data_3HQE
# 
_entry.id   3HQE 
# 
_audit_conform.dict_name       mmcif_pdbx.dic 
_audit_conform.dict_version    5.380 
_audit_conform.dict_location   http://mmcif.pdb.org/dictionaries/ascii/mmcif_pdbx.dic 
# 
loop_
_database_2.database_id 
_database_2.database_code 
_database_2.pdbx_database_accession 
_database_2.pdbx_DOI 
PDB   3HQE         pdb_00003hqe 10.2210/pdb3hqe/pdb 
NDB   NA0029       ?            ?                   
RCSB  RCSB053454   ?            ?                   
WWPDB D_1000053454 ?            ?                   
# 
_pdbx_database_related.db_name        PDB 
_pdbx_database_related.db_id          3HS1 
_pdbx_database_related.details        'Structure of Holliday junction formed by d(CCGGTACCGG); Crystal grown with CoCl2' 
_pdbx_database_related.content_type   unspecified 
# 
_pdbx_database_status.status_code                     REL 
_pdbx_database_status.entry_id                        3HQE 
_pdbx_database_status.recvd_initial_deposition_date   2009-06-06 
_pdbx_database_status.deposit_site                    RCSB 
_pdbx_database_status.process_site                    PDBJ 
_pdbx_database_status.status_code_sf                  REL 
_pdbx_database_status.status_code_mr                  ? 
_pdbx_database_status.SG_entry                        ? 
_pdbx_database_status.pdb_format_compatible           Y 
_pdbx_database_status.status_code_cs                  ? 
_pdbx_database_status.status_code_nmr_data            ? 
_pdbx_database_status.methods_development_category    ? 
# 
loop_
_audit_author.name 
_audit_author.pdbx_ordinal 
'Venkadesh, S.' 1 
'Mandal, P.K.'  2 
'Gautham, N.'   3 
# 
_citation.id                        primary 
_citation.title                     
'Sequence dependent structural variation of Holliday junction - crystal structure of d(CGGGCGCCCG)4' 
_citation.journal_abbrev            'To be Published' 
_citation.journal_volume            ? 
_citation.page_first                ? 
_citation.page_last                 ? 
_citation.year                      ? 
_citation.journal_id_ASTM           ? 
_citation.country                   ? 
_citation.journal_id_ISSN           ? 
_citation.journal_id_CSD            0353 
_citation.book_publisher            ? 
_citation.pdbx_database_id_PubMed   ? 
_citation.pdbx_database_id_DOI      ? 
# 
loop_
_citation_author.citation_id 
_citation_author.name 
_citation_author.ordinal 
_citation_author.identifier_ORCID 
primary 'Venkadesh, S.' 1 ? 
primary 'Mandal, P.K.'  2 ? 
primary 'Gautham, N.'   3 ? 
# 
_cell.entry_id           3HQE 
_cell.length_a           65.004 
_cell.length_b           22.813 
_cell.length_c           40.708 
_cell.angle_alpha        90.00 
_cell.angle_beta         116.75 
_cell.angle_gamma        90.00 
_cell.Z_PDB              8 
_cell.pdbx_unique_axis   ? 
_cell.length_a_esd       ? 
_cell.length_b_esd       ? 
_cell.length_c_esd       ? 
_cell.angle_alpha_esd    ? 
_cell.angle_beta_esd     ? 
_cell.angle_gamma_esd    ? 
# 
_symmetry.entry_id                         3HQE 
_symmetry.space_group_name_H-M             'C 1 2 1' 
_symmetry.pdbx_full_space_group_name_H-M   ? 
_symmetry.cell_setting                     ? 
_symmetry.Int_Tables_number                5 
_symmetry.space_group_name_Hall            ? 
# 
loop_
_entity.id 
_entity.type 
_entity.src_method 
_entity.pdbx_description 
_entity.formula_weight 
_entity.pdbx_number_of_molecules 
_entity.pdbx_ec 
_entity.pdbx_mutation 
_entity.pdbx_fragment 
_entity.details 
1 polymer syn "5'-D(*CP*GP*GP*GP*CP*GP*CP*CP*CP*G)-3'" 3046.980 2  ? ? ? ? 
2 water   nat water                                    18.015   10 ? ? ? ? 
# 
_entity_poly.entity_id                      1 
_entity_poly.type                           polydeoxyribonucleotide 
_entity_poly.nstd_linkage                   no 
_entity_poly.nstd_monomer                   no 
_entity_poly.pdbx_seq_one_letter_code       '(DC)(DG)(DG)(DG)(DC)(DG)(DC)(DC)(DC)(DG)' 
_entity_poly.pdbx_seq_one_letter_code_can   CGGGCGCCCG 
_entity_poly.pdbx_strand_id                 A,B 
_entity_poly.pdbx_target_identifier         ? 
# 
loop_
_entity_poly_seq.entity_id 
_entity_poly_seq.num 
_entity_poly_seq.mon_id 
_entity_poly_seq.hetero 
1 1  DC n 
1 2  DG n 
1 3  DG n 
1 4  DG n 
1 5  DC n 
1 6  DG n 
1 7  DC n 
1 8  DC n 
1 9  DC n 
1 10 DG n 
# 
_struct_ref.id                         1 
_struct_ref.db_name                    PDB 
_struct_ref.db_code                    3HQE 
_struct_ref.pdbx_db_accession          3HQE 
_struct_ref.entity_id                  1 
_struct_ref.pdbx_seq_one_letter_code   CGGGCGCCCG 
_struct_ref.pdbx_align_begin           1 
_struct_ref.pdbx_db_isoform            ? 
# 
loop_
_struct_ref_seq.align_id 
_struct_ref_seq.ref_id 
_struct_ref_seq.pdbx_PDB_id_code 
_struct_ref_seq.pdbx_strand_id 
_struct_ref_seq.seq_align_beg 
_struct_ref_seq.pdbx_seq_align_beg_ins_code 
_struct_ref_seq.seq_align_end 
_struct_ref_seq.pdbx_seq_align_end_ins_code 
_struct_ref_seq.pdbx_db_accession 
_struct_ref_seq.db_align_beg 
_struct_ref_seq.pdbx_db_align_beg_ins_code 
_struct_ref_seq.db_align_end 
_struct_ref_seq.pdbx_db_align_end_ins_code 
_struct_ref_seq.pdbx_auth_seq_align_beg 
_struct_ref_seq.pdbx_auth_seq_align_end 
1 1 3HQE A 1 ? 10 ? 3HQE 1  ? 10 ? 1  10 
2 1 3HQE B 1 ? 10 ? 3HQE 11 ? 20 ? 11 20 
# 
loop_
_chem_comp.id 
_chem_comp.type 
_chem_comp.mon_nstd_flag 
_chem_comp.name 
_chem_comp.pdbx_synonyms 
_chem_comp.formula 
_chem_comp.formula_weight 
DC  'DNA linking' y "2'-DEOXYCYTIDINE-5'-MONOPHOSPHATE"  ? 'C9 H14 N3 O7 P'  307.197 
DG  'DNA linking' y "2'-DEOXYGUANOSINE-5'-MONOPHOSPHATE" ? 'C10 H14 N5 O7 P' 347.221 
HOH non-polymer   . WATER                                ? 'H2 O'            18.015  
# 
_exptl.entry_id          3HQE 
_exptl.method            'X-RAY DIFFRACTION' 
_exptl.crystals_number   1 
# 
_exptl_crystal.id                    1 
_exptl_crystal.density_meas          ? 
_exptl_crystal.density_Matthews      2.21 
_exptl_crystal.density_percent_sol   44.38 
_exptl_crystal.description           ? 
_exptl_crystal.F_000                 ? 
_exptl_crystal.preparation           ? 
# 
_exptl_crystal_grow.crystal_id      1 
_exptl_crystal_grow.method          'VAPOR DIFFUSION, HANGING DROP' 
_exptl_crystal_grow.temp            293 
_exptl_crystal_grow.temp_details    ? 
_exptl_crystal_grow.pH              7.0 
_exptl_crystal_grow.pdbx_details    
;Drop contains 1mM DNA, 50mM buffer, 100mM MgCl2, 1mM spermine, 50% MPD in reservior , pH 7.0, VAPOR DIFFUSION, HANGING DROP, temperature 293K
;
_exptl_crystal_grow.pdbx_pH_range   . 
# 
_diffrn.id                     1 
_diffrn.ambient_temp           100 
_diffrn.ambient_temp_details   ? 
_diffrn.crystal_id             1 
# 
_diffrn_detector.diffrn_id              1 
_diffrn_detector.detector               'IMAGE PLATE' 
_diffrn_detector.type                   MARRESEARCH 
_diffrn_detector.pdbx_collection_date   2008-03-08 
_diffrn_detector.details                mirrors 
# 
_diffrn_radiation.diffrn_id                        1 
_diffrn_radiation.wavelength_id                    1 
_diffrn_radiation.pdbx_monochromatic_or_laue_m_l   M 
_diffrn_radiation.monochromator                    Mirrors 
_diffrn_radiation.pdbx_diffrn_protocol             'SINGLE WAVELENGTH' 
_diffrn_radiation.pdbx_scattering_type             x-ray 
# 
_diffrn_radiation_wavelength.id           1 
_diffrn_radiation_wavelength.wavelength   1.5418 
_diffrn_radiation_wavelength.wt           1.0 
# 
_diffrn_source.diffrn_id                   1 
_diffrn_source.source                      'ROTATING ANODE' 
_diffrn_source.type                        'BRUKER AXS MICROSTAR' 
_diffrn_source.pdbx_synchrotron_site       ? 
_diffrn_source.pdbx_synchrotron_beamline   ? 
_diffrn_source.pdbx_wavelength             ? 
_diffrn_source.pdbx_wavelength_list        1.5418 
# 
_reflns.entry_id                     3HQE 
_reflns.observed_criterion_sigma_I   1 
_reflns.observed_criterion_sigma_F   ? 
_reflns.d_resolution_low             20 
_reflns.d_resolution_high            2.9 
_reflns.number_obs                   1239 
_reflns.number_all                   1271 
_reflns.percent_possible_obs         97.9 
_reflns.pdbx_Rmerge_I_obs            0.118 
_reflns.pdbx_Rsym_value              0.109 
_reflns.pdbx_netI_over_sigmaI        2.9 
_reflns.B_iso_Wilson_estimate        64 
_reflns.pdbx_redundancy              3.51 
_reflns.R_free_details               ? 
_reflns.limit_h_max                  ? 
_reflns.limit_h_min                  ? 
_reflns.limit_k_max                  ? 
_reflns.limit_k_min                  ? 
_reflns.limit_l_max                  ? 
_reflns.limit_l_min                  ? 
_reflns.observed_criterion_F_max     ? 
_reflns.observed_criterion_F_min     ? 
_reflns.pdbx_chi_squared             ? 
_reflns.pdbx_scaling_rejects         ? 
_reflns.pdbx_diffrn_id               1 
_reflns.pdbx_ordinal                 1 
# 
_reflns_shell.d_res_high             2.9 
_reflns_shell.d_res_low              3.0 
_reflns_shell.percent_possible_all   96.5 
_reflns_shell.Rmerge_I_obs           0.4579 
_reflns_shell.pdbx_Rsym_value        0.4162 
_reflns_shell.meanI_over_sigI_obs    1.0 
_reflns_shell.pdbx_redundancy        3.54 
_reflns_shell.percent_possible_obs   ? 
_reflns_shell.number_unique_all      109 
_reflns_shell.number_measured_all    ? 
_reflns_shell.number_measured_obs    ? 
_reflns_shell.number_unique_obs      ? 
_reflns_shell.pdbx_chi_squared       ? 
_reflns_shell.pdbx_diffrn_id         ? 
_reflns_shell.pdbx_ordinal           1 
# 
_refine.entry_id                                 3HQE 
_refine.ls_number_reflns_obs                     1073 
_refine.ls_number_reflns_all                     1129 
_refine.pdbx_ls_sigma_I                          ? 
_refine.pdbx_ls_sigma_F                          ? 
_refine.pdbx_data_cutoff_high_absF               ? 
_refine.pdbx_data_cutoff_low_absF                ? 
_refine.pdbx_data_cutoff_high_rms_absF           ? 
_refine.ls_d_res_low                             19.81 
_refine.ls_d_res_high                            2.94 
_refine.ls_percent_reflns_obs                    93.15 
_refine.ls_R_factor_obs                          0.21660 
_refine.ls_R_factor_all                          0.22510 
_refine.ls_R_factor_R_work                       0.21517 
_refine.ls_R_factor_R_free                       0.23946 
_refine.ls_R_factor_R_free_error                 ? 
_refine.ls_R_factor_R_free_error_details         ? 
_refine.ls_percent_reflns_R_free                 5.0 
_refine.ls_number_reflns_R_free                  56 
_refine.ls_number_parameters                     ? 
_refine.ls_number_restraints                     ? 
_refine.occupancy_min                            ? 
_refine.occupancy_max                            ? 
_refine.correlation_coeff_Fo_to_Fc               0.951 
_refine.correlation_coeff_Fo_to_Fc_free          0.956 
_refine.B_iso_mean                               51.104 
_refine.aniso_B[1][1]                            1.15 
_refine.aniso_B[2][2]                            -0.97 
_refine.aniso_B[3][3]                            0.46 
_refine.aniso_B[1][2]                            0.00 
_refine.aniso_B[1][3]                            0.71 
_refine.aniso_B[2][3]                            0.00 
_refine.solvent_model_details                    MASK 
_refine.solvent_model_param_ksol                 ? 
_refine.solvent_model_param_bsol                 ? 
_refine.pdbx_solvent_vdw_probe_radii             1.20 
_refine.pdbx_solvent_ion_probe_radii             0.80 
_refine.pdbx_solvent_shrinkage_radii             0.80 
_refine.pdbx_ls_cross_valid_method               THROUGHOUT 
_refine.details                                  ? 
_refine.pdbx_starting_model                      'PDB ID 1P4Y' 
_refine.pdbx_method_to_determine_struct          'MOLECULAR REPLACEMENT' 
_refine.pdbx_isotropic_thermal_model             Isotropic 
_refine.pdbx_stereochemistry_target_values       'MAXIMUM LIKELIHOOD' 
_refine.pdbx_stereochem_target_val_spec_case     ? 
_refine.pdbx_R_Free_selection_details            RANDOM 
_refine.pdbx_overall_ESU_R_Free                  0.456 
_refine.overall_SU_ML                            0.321 
_refine.overall_SU_B                             18.845 
_refine.ls_redundancy_reflns_obs                 ? 
_refine.B_iso_min                                ? 
_refine.B_iso_max                                ? 
_refine.overall_SU_R_Cruickshank_DPI             ? 
_refine.overall_SU_R_free                        ? 
_refine.ls_wR_factor_R_free                      ? 
_refine.ls_wR_factor_R_work                      ? 
_refine.overall_FOM_free_R_set                   ? 
_refine.overall_FOM_work_R_set                   ? 
_refine.pdbx_refine_id                           'X-RAY DIFFRACTION' 
_refine.pdbx_overall_phase_error                 ? 
_refine.pdbx_overall_ESU_R                       ? 
_refine.pdbx_diffrn_id                           1 
_refine.pdbx_TLS_residual_ADP_flag               ? 
_refine.pdbx_overall_SU_R_free_Cruickshank_DPI   ? 
_refine.pdbx_overall_SU_R_Blow_DPI               ? 
_refine.pdbx_overall_SU_R_free_Blow_DPI          ? 
# 
_refine_analyze.entry_id                        3HQE 
_refine_analyze.Luzzati_coordinate_error_obs    0.493 
_refine_analyze.Luzzati_sigma_a_obs             ? 
_refine_analyze.Luzzati_d_res_low_obs           ? 
_refine_analyze.Luzzati_coordinate_error_free   ? 
_refine_analyze.Luzzati_sigma_a_free            ? 
_refine_analyze.Luzzati_d_res_low_free          ? 
_refine_analyze.number_disordered_residues      ? 
_refine_analyze.occupancy_sum_hydrogen          ? 
_refine_analyze.occupancy_sum_non_hydrogen      ? 
_refine_analyze.pdbx_Luzzati_d_res_high_obs     ? 
_refine_analyze.pdbx_refine_id                  'X-RAY DIFFRACTION' 
# 
_refine_hist.pdbx_refine_id                   'X-RAY DIFFRACTION' 
_refine_hist.cycle_id                         LAST 
_refine_hist.pdbx_number_atoms_protein        0 
_refine_hist.pdbx_number_atoms_nucleic_acid   404 
_refine_hist.pdbx_number_atoms_ligand         0 
_refine_hist.number_atoms_solvent             10 
_refine_hist.number_atoms_total               414 
_refine_hist.d_res_high                       2.94 
_refine_hist.d_res_low                        19.81 
# 
loop_
_refine_ls_restr.type 
_refine_ls_restr.dev_ideal 
_refine_ls_restr.dev_ideal_target 
_refine_ls_restr.weight 
_refine_ls_restr.number 
_refine_ls_restr.pdbx_refine_id 
_refine_ls_restr.pdbx_restraint_function 
r_bond_refined_d         0.019 0.021 ? 452 'X-RAY DIFFRACTION' ? 
r_angle_refined_deg      3.158 3.000 ? 694 'X-RAY DIFFRACTION' ? 
r_chiral_restr           0.112 0.200 ? 78  'X-RAY DIFFRACTION' ? 
r_gen_planes_refined     0.011 0.020 ? 210 'X-RAY DIFFRACTION' ? 
r_nbd_refined            0.274 0.200 ? 115 'X-RAY DIFFRACTION' ? 
r_nbtor_refined          0.350 0.200 ? 250 'X-RAY DIFFRACTION' ? 
r_xyhbond_nbd_refined    0.151 0.200 ? 9   'X-RAY DIFFRACTION' ? 
r_symmetry_vdw_refined   0.187 0.200 ? 44  'X-RAY DIFFRACTION' ? 
r_symmetry_hbond_refined 0.260 0.200 ? 9   'X-RAY DIFFRACTION' ? 
r_scbond_it              5.115 3.000 ? 666 'X-RAY DIFFRACTION' ? 
r_scangle_it             4.326 4.500 ? 694 'X-RAY DIFFRACTION' ? 
# 
_refine_ls_shell.pdbx_total_number_of_bins_used   20 
_refine_ls_shell.d_res_high                       2.942 
_refine_ls_shell.d_res_low                        3.017 
_refine_ls_shell.number_reflns_R_work             71 
_refine_ls_shell.R_factor_R_work                  0.534 
_refine_ls_shell.percent_reflns_obs               97.40 
_refine_ls_shell.R_factor_R_free                  0.799 
_refine_ls_shell.R_factor_R_free_error            0.456 
_refine_ls_shell.percent_reflns_R_free            ? 
_refine_ls_shell.number_reflns_R_free             4 
_refine_ls_shell.number_reflns_all                ? 
_refine_ls_shell.R_factor_all                     ? 
_refine_ls_shell.number_reflns_obs                71 
_refine_ls_shell.redundancy_reflns_obs            ? 
_refine_ls_shell.pdbx_refine_id                   'X-RAY DIFFRACTION' 
# 
_struct.entry_id                  3HQE 
_struct.title                     'Crystal Structure of the decamer CGGGCGCCCG forming a Holliday junction' 
_struct.pdbx_model_details        ? 
_struct.pdbx_CASP_flag            ? 
_struct.pdbx_model_type_details   ? 
# 
_struct_keywords.entry_id        3HQE 
_struct_keywords.pdbx_keywords   DNA 
_struct_keywords.text            'Four-way junction with B-DNA arms, DNA' 
# 
loop_
_struct_asym.id 
_struct_asym.pdbx_blank_PDB_chainid_flag 
_struct_asym.pdbx_modified 
_struct_asym.entity_id 
_struct_asym.details 
A N N 1 ? 
B N N 1 ? 
C N N 2 ? 
D N N 2 ? 
# 
_struct_biol.id        1 
_struct_biol.details   ? 
# 
loop_
_struct_conn.id 
_struct_conn.conn_type_id 
_struct_conn.pdbx_leaving_atom_flag 
_struct_conn.pdbx_PDB_id 
_struct_conn.ptnr1_label_asym_id 
_struct_conn.ptnr1_label_comp_id 
_struct_conn.ptnr1_label_seq_id 
_struct_conn.ptnr1_label_atom_id 
_struct_conn.pdbx_ptnr1_label_alt_id 
_struct_conn.pdbx_ptnr1_PDB_ins_code 
_struct_conn.pdbx_ptnr1_standard_comp_id 
_struct_conn.ptnr1_symmetry 
_struct_conn.ptnr2_label_asym_id 
_struct_conn.ptnr2_label_comp_id 
_struct_conn.ptnr2_label_seq_id 
_struct_conn.ptnr2_label_atom_id 
_struct_conn.pdbx_ptnr2_label_alt_id 
_struct_conn.pdbx_ptnr2_PDB_ins_code 
_struct_conn.ptnr1_auth_asym_id 
_struct_conn.ptnr1_auth_comp_id 
_struct_conn.ptnr1_auth_seq_id 
_struct_conn.ptnr2_auth_asym_id 
_struct_conn.ptnr2_auth_comp_id 
_struct_conn.ptnr2_auth_seq_id 
_struct_conn.ptnr2_symmetry 
_struct_conn.pdbx_ptnr3_label_atom_id 
_struct_conn.pdbx_ptnr3_label_seq_id 
_struct_conn.pdbx_ptnr3_label_comp_id 
_struct_conn.pdbx_ptnr3_label_asym_id 
_struct_conn.pdbx_ptnr3_label_alt_id 
_struct_conn.pdbx_ptnr3_PDB_ins_code 
_struct_conn.details 
_struct_conn.pdbx_dist_value 
_struct_conn.pdbx_value_order 
_struct_conn.pdbx_role 
hydrog1  hydrog ? ? A DC 1 N3 ? ? ? 1_555 B DG 10 N1 ? ? A DC 1 B DG 20 1_555 ? ? ? ? ? ? WATSON-CRICK ? ? ? 
hydrog2  hydrog ? ? A DC 1 N4 ? ? ? 1_555 B DG 10 O6 ? ? A DC 1 B DG 20 1_555 ? ? ? ? ? ? WATSON-CRICK ? ? ? 
hydrog3  hydrog ? ? A DC 1 O2 ? ? ? 1_555 B DG 10 N2 ? ? A DC 1 B DG 20 1_555 ? ? ? ? ? ? WATSON-CRICK ? ? ? 
hydrog4  hydrog ? ? A DG 2 N1 ? ? ? 1_555 B DC 9  N3 ? ? A DG 2 B DC 19 1_555 ? ? ? ? ? ? WATSON-CRICK ? ? ? 
hydrog5  hydrog ? ? A DG 2 N2 ? ? ? 1_555 B DC 9  O2 ? ? A DG 2 B DC 19 1_555 ? ? ? ? ? ? WATSON-CRICK ? ? ? 
hydrog6  hydrog ? ? A DG 2 O6 ? ? ? 1_555 B DC 9  N4 ? ? A DG 2 B DC 19 1_555 ? ? ? ? ? ? WATSON-CRICK ? ? ? 
hydrog7  hydrog ? ? A DG 3 N1 ? ? ? 1_555 B DC 8  N3 ? ? A DG 3 B DC 18 1_555 ? ? ? ? ? ? WATSON-CRICK ? ? ? 
hydrog8  hydrog ? ? A DG 3 N2 ? ? ? 1_555 B DC 8  O2 ? ? A DG 3 B DC 18 1_555 ? ? ? ? ? ? WATSON-CRICK ? ? ? 
hydrog9  hydrog ? ? A DG 3 O6 ? ? ? 1_555 B DC 8  N4 ? ? A DG 3 B DC 18 1_555 ? ? ? ? ? ? WATSON-CRICK ? ? ? 
hydrog10 hydrog ? ? A DG 4 N1 ? ? ? 1_555 B DC 7  N3 ? ? A DG 4 B DC 17 1_555 ? ? ? ? ? ? WATSON-CRICK ? ? ? 
hydrog11 hydrog ? ? A DG 4 N2 ? ? ? 1_555 B DC 7  O2 ? ? A DG 4 B DC 17 1_555 ? ? ? ? ? ? WATSON-CRICK ? ? ? 
hydrog12 hydrog ? ? A DG 4 O6 ? ? ? 1_555 B DC 7  N4 ? ? A DG 4 B DC 17 1_555 ? ? ? ? ? ? WATSON-CRICK ? ? ? 
hydrog13 hydrog ? ? A DC 5 N3 ? ? ? 1_555 B DG 6  N1 ? ? A DC 5 B DG 16 1_555 ? ? ? ? ? ? WATSON-CRICK ? ? ? 
hydrog14 hydrog ? ? A DC 5 N4 ? ? ? 1_555 B DG 6  O6 ? ? A DC 5 B DG 16 1_555 ? ? ? ? ? ? WATSON-CRICK ? ? ? 
hydrog15 hydrog ? ? A DC 5 O2 ? ? ? 1_555 B DG 6  N2 ? ? A DC 5 B DG 16 1_555 ? ? ? ? ? ? WATSON-CRICK ? ? ? 
hydrog16 hydrog ? ? A DG 6 N1 ? ? ? 1_555 B DC 5  N3 ? ? A DG 6 B DC 15 1_555 ? ? ? ? ? ? WATSON-CRICK ? ? ? 
hydrog17 hydrog ? ? A DG 6 N2 ? ? ? 1_555 B DC 5  O2 ? ? A DG 6 B DC 15 1_555 ? ? ? ? ? ? WATSON-CRICK ? ? ? 
hydrog18 hydrog ? ? A DG 6 O6 ? ? ? 1_555 B DC 5  N4 ? ? A DG 6 B DC 15 1_555 ? ? ? ? ? ? WATSON-CRICK ? ? ? 
# 
_struct_conn_type.id          hydrog 
_struct_conn_type.criteria    ? 
_struct_conn_type.reference   ? 
# 
_atom_sites.entry_id                    3HQE 
_atom_sites.fract_transf_matrix[1][1]   -0.01213422 
_atom_sites.fract_transf_matrix[1][2]   -0.01039032 
_atom_sites.fract_transf_matrix[1][3]   -0.00644933 
_atom_sites.fract_transf_matrix[2][1]   -0.02728623 
_atom_sites.fract_transf_matrix[2][2]   0.01189156 
_atom_sites.fract_transf_matrix[2][3]   0.03218011 
_atom_sites.fract_transf_matrix[3][1]   -0.01710261 
_atom_sites.fract_transf_matrix[3][2]   0.01095880 
_atom_sites.fract_transf_matrix[3][3]   -0.01855130 
_atom_sites.fract_transf_vector[1]      0.036249 
_atom_sites.fract_transf_vector[2]      0.002618 
_atom_sites.fract_transf_vector[3]      0.356668 
# 
loop_
_atom_type.symbol 
C 
N 
O 
P 
# 
loop_
_atom_site.group_PDB 
_atom_site.id 
_atom_site.type_symbol 
_atom_site.label_atom_id 
_atom_site.label_alt_id 
_atom_site.label_comp_id 
_atom_site.label_asym_id 
_atom_site.label_entity_id 
_atom_site.label_seq_id 
_atom_site.pdbx_PDB_ins_code 
_atom_site.Cartn_x 
_atom_site.Cartn_y 
_atom_site.Cartn_z 
_atom_site.occupancy 
_atom_site.B_iso_or_equiv 
_atom_site.pdbx_formal_charge 
_atom_site.auth_seq_id 
_atom_site.auth_comp_id 
_atom_site.auth_asym_id 
_atom_site.auth_atom_id 
_atom_site.pdbx_PDB_model_num 
ATOM   1   O "O5'" . DC  A 1 1  ? 3.800   -16.400 4.324   1.00 64.44 ? 1  DC  A "O5'" 1 
ATOM   2   C "C5'" . DC  A 1 1  ? 4.728   -17.280 3.685   1.00 63.20 ? 1  DC  A "C5'" 1 
ATOM   3   C "C4'" . DC  A 1 1  ? 4.563   -17.191 2.181   1.00 61.36 ? 1  DC  A "C4'" 1 
ATOM   4   O "O4'" . DC  A 1 1  ? 3.183   -16.946 1.802   1.00 60.04 ? 1  DC  A "O4'" 1 
ATOM   5   C "C3'" . DC  A 1 1  ? 5.306   -16.020 1.655   1.00 60.78 ? 1  DC  A "C3'" 1 
ATOM   6   O "O3'" . DC  A 1 1  ? 6.087   -16.535 0.622   1.00 63.67 ? 1  DC  A "O3'" 1 
ATOM   7   C "C2'" . DC  A 1 1  ? 4.237   -15.001 1.231   1.00 58.92 ? 1  DC  A "C2'" 1 
ATOM   8   C "C1'" . DC  A 1 1  ? 3.058   -15.882 0.895   1.00 56.50 ? 1  DC  A "C1'" 1 
ATOM   9   N N1    . DC  A 1 1  ? 1.619   -15.407 0.985   1.00 54.20 ? 1  DC  A N1    1 
ATOM   10  C C2    . DC  A 1 1  ? 0.980   -14.912 -0.156  1.00 53.27 ? 1  DC  A C2    1 
ATOM   11  O O2    . DC  A 1 1  ? 1.586   -14.791 -1.220  1.00 52.22 ? 1  DC  A O2    1 
ATOM   12  N N3    . DC  A 1 1  ? -0.315  -14.543 -0.082  1.00 53.57 ? 1  DC  A N3    1 
ATOM   13  C C4    . DC  A 1 1  ? -0.988  -14.668 1.052   1.00 54.41 ? 1  DC  A C4    1 
ATOM   14  N N4    . DC  A 1 1  ? -2.261  -14.276 0.995   1.00 56.79 ? 1  DC  A N4    1 
ATOM   15  C C5    . DC  A 1 1  ? -0.400  -15.178 2.247   1.00 53.68 ? 1  DC  A C5    1 
ATOM   16  C C6    . DC  A 1 1  ? 0.893   -15.536 2.147   1.00 54.25 ? 1  DC  A C6    1 
ATOM   17  P P     . DG  A 1 2  ? 7.535   -15.824 0.514   1.00 68.45 ? 2  DG  A P     1 
ATOM   18  O OP1   . DG  A 1 2  ? 8.390   -16.674 -0.354  1.00 68.77 ? 2  DG  A OP1   1 
ATOM   19  O OP2   . DG  A 1 2  ? 7.939   -15.475 1.916   1.00 67.35 ? 2  DG  A OP2   1 
ATOM   20  O "O5'" . DG  A 1 2  ? 7.228   -14.439 -0.281  1.00 63.93 ? 2  DG  A "O5'" 1 
ATOM   21  C "C5'" . DG  A 1 2  ? 7.758   -14.071 -1.601  1.00 56.72 ? 2  DG  A "C5'" 1 
ATOM   22  C "C4'" . DG  A 1 2  ? 7.420   -12.596 -1.784  1.00 51.59 ? 2  DG  A "C4'" 1 
ATOM   23  O "O4'" . DG  A 1 2  ? 6.009   -12.390 -1.483  1.00 48.57 ? 2  DG  A "O4'" 1 
ATOM   24  C "C3'" . DG  A 1 2  ? 8.141   -11.594 -0.870  1.00 49.38 ? 2  DG  A "C3'" 1 
ATOM   25  O "O3'" . DG  A 1 2  ? 8.259   -10.403 -1.614  1.00 52.00 ? 2  DG  A "O3'" 1 
ATOM   26  C "C2'" . DG  A 1 2  ? 7.171   -11.432 0.304   1.00 45.67 ? 2  DG  A "C2'" 1 
ATOM   27  C "C1'" . DG  A 1 2  ? 5.884   -11.368 -0.512  1.00 42.78 ? 2  DG  A "C1'" 1 
ATOM   28  N N9    . DG  A 1 2  ? 4.637   -11.507 0.210   1.00 36.23 ? 2  DG  A N9    1 
ATOM   29  C C8    . DG  A 1 2  ? 4.536   -11.899 1.501   1.00 33.54 ? 2  DG  A C8    1 
ATOM   30  N N7    . DG  A 1 2  ? 3.300   -11.922 1.908   1.00 35.03 ? 2  DG  A N7    1 
ATOM   31  C C5    . DG  A 1 2  ? 2.534   -11.519 0.831   1.00 33.83 ? 2  DG  A C5    1 
ATOM   32  C C6    . DG  A 1 2  ? 1.119   -11.359 0.747   1.00 35.96 ? 2  DG  A C6    1 
ATOM   33  O O6    . DG  A 1 2  ? 0.262   -11.585 1.657   1.00 38.30 ? 2  DG  A O6    1 
ATOM   34  N N1    . DG  A 1 2  ? 0.723   -10.902 -0.531  1.00 35.66 ? 2  DG  A N1    1 
ATOM   35  C C2    . DG  A 1 2  ? 1.608   -10.645 -1.577  1.00 34.38 ? 2  DG  A C2    1 
ATOM   36  N N2    . DG  A 1 2  ? 1.031   -10.223 -2.739  1.00 31.80 ? 2  DG  A N2    1 
ATOM   37  N N3    . DG  A 1 2  ? 2.952   -10.807 -1.473  1.00 33.32 ? 2  DG  A N3    1 
ATOM   38  C C4    . DG  A 1 2  ? 3.344   -11.249 -0.240  1.00 33.86 ? 2  DG  A C4    1 
ATOM   39  P P     . DG  A 1 3  ? 9.288   -10.441 -2.814  1.00 55.66 ? 3  DG  A P     1 
ATOM   40  O OP1   . DG  A 1 3  ? 9.389   -11.887 -3.166  1.00 55.76 ? 3  DG  A OP1   1 
ATOM   41  O OP2   . DG  A 1 3  ? 10.437  -9.611  -2.385  1.00 53.76 ? 3  DG  A OP2   1 
ATOM   42  O "O5'" . DG  A 1 3  ? 8.770   -9.665  -4.109  1.00 53.49 ? 3  DG  A "O5'" 1 
ATOM   43  C "C5'" . DG  A 1 3  ? 7.460   -9.692  -4.569  1.00 53.07 ? 3  DG  A "C5'" 1 
ATOM   44  C "C4'" . DG  A 1 3  ? 7.054   -8.238  -4.783  1.00 52.93 ? 3  DG  A "C4'" 1 
ATOM   45  O "O4'" . DG  A 1 3  ? 5.899   -8.013  -3.940  1.00 49.95 ? 3  DG  A "O4'" 1 
ATOM   46  C "C3'" . DG  A 1 3  ? 8.101   -7.172  -4.364  1.00 54.82 ? 3  DG  A "C3'" 1 
ATOM   47  O "O3'" . DG  A 1 3  ? 8.001   -5.853  -5.017  1.00 58.47 ? 3  DG  A "O3'" 1 
ATOM   48  C "C2'" . DG  A 1 3  ? 7.822   -7.022  -2.867  1.00 50.46 ? 3  DG  A "C2'" 1 
ATOM   49  C "C1'" . DG  A 1 3  ? 6.295   -7.141  -2.896  1.00 47.02 ? 3  DG  A "C1'" 1 
ATOM   50  N N9    . DG  A 1 3  ? 5.744   -7.563  -1.629  1.00 42.17 ? 3  DG  A N9    1 
ATOM   51  C C8    . DG  A 1 3  ? 6.500   -7.984  -0.564  1.00 43.28 ? 3  DG  A C8    1 
ATOM   52  N N7    . DG  A 1 3  ? 5.800   -8.290  0.496   1.00 42.09 ? 3  DG  A N7    1 
ATOM   53  C C5    . DG  A 1 3  ? 4.496   -8.022  0.090   1.00 38.94 ? 3  DG  A C5    1 
ATOM   54  C C6    . DG  A 1 3  ? 3.316   -8.168  0.844   1.00 37.36 ? 3  DG  A C6    1 
ATOM   55  O O6    . DG  A 1 3  ? 3.310   -8.582  2.003   1.00 39.16 ? 3  DG  A O6    1 
ATOM   56  N N1    . DG  A 1 3  ? 2.146   -7.827  0.150   1.00 32.68 ? 3  DG  A N1    1 
ATOM   57  C C2    . DG  A 1 3  ? 2.192   -7.373  -1.158  1.00 31.82 ? 3  DG  A C2    1 
ATOM   58  N N2    . DG  A 1 3  ? 1.010   -7.057  -1.710  1.00 27.50 ? 3  DG  A N2    1 
ATOM   59  N N3    . DG  A 1 3  ? 3.310   -7.237  -1.885  1.00 32.48 ? 3  DG  A N3    1 
ATOM   60  C C4    . DG  A 1 3  ? 4.428   -7.577  -1.208  1.00 37.75 ? 3  DG  A C4    1 
ATOM   61  P P     . DG  A 1 4  ? 7.885   -5.587  -6.614  1.00 62.28 ? 4  DG  A P     1 
ATOM   62  O OP1   . DG  A 1 4  ? 7.879   -6.924  -7.295  1.00 58.56 ? 4  DG  A OP1   1 
ATOM   63  O OP2   . DG  A 1 4  ? 8.815   -4.439  -6.921  1.00 60.06 ? 4  DG  A OP2   1 
ATOM   64  O "O5'" . DG  A 1 4  ? 6.443   -4.953  -6.884  1.00 60.99 ? 4  DG  A "O5'" 1 
ATOM   65  C "C5'" . DG  A 1 4  ? 5.453   -5.019  -5.893  1.00 59.66 ? 4  DG  A "C5'" 1 
ATOM   66  C "C4'" . DG  A 1 4  ? 4.339   -4.054  -6.252  1.00 58.78 ? 4  DG  A "C4'" 1 
ATOM   67  O "O4'" . DG  A 1 4  ? 3.341   -4.047  -5.190  1.00 57.08 ? 4  DG  A "O4'" 1 
ATOM   68  C "C3'" . DG  A 1 4  ? 4.710   -2.582  -6.483  1.00 59.05 ? 4  DG  A "C3'" 1 
ATOM   69  O "O3'" . DG  A 1 4  ? 3.780   -1.993  -7.499  1.00 61.09 ? 4  DG  A "O3'" 1 
ATOM   70  C "C2'" . DG  A 1 4  ? 4.656   -2.079  -5.045  1.00 57.17 ? 4  DG  A "C2'" 1 
ATOM   71  C "C1'" . DG  A 1 4  ? 3.526   -2.912  -4.381  1.00 53.32 ? 4  DG  A "C1'" 1 
ATOM   72  N N9    . DG  A 1 4  ? 3.881   -3.417  -3.065  1.00 46.20 ? 4  DG  A N9    1 
ATOM   73  C C8    . DG  A 1 4  ? 5.166   -3.772  -2.730  1.00 44.67 ? 4  DG  A C8    1 
ATOM   74  N N7    . DG  A 1 4  ? 5.276   -4.188  -1.503  1.00 42.15 ? 4  DG  A N7    1 
ATOM   75  C C5    . DG  A 1 4  ? 3.988   -4.101  -1.009  1.00 38.38 ? 4  DG  A C5    1 
ATOM   76  C C6    . DG  A 1 4  ? 3.579   -4.443  0.269   1.00 35.96 ? 4  DG  A C6    1 
ATOM   77  O O6    . DG  A 1 4  ? 4.266   -4.908  1.187   1.00 36.82 ? 4  DG  A O6    1 
ATOM   78  N N1    . DG  A 1 4  ? 2.251   -4.204  0.440   1.00 33.35 ? 4  DG  A N1    1 
ATOM   79  C C2    . DG  A 1 4  ? 1.442   -3.743  -0.537  1.00 35.18 ? 4  DG  A C2    1 
ATOM   80  N N2    . DG  A 1 4  ? 0.201   -3.661  -0.074  1.00 36.32 ? 4  DG  A N2    1 
ATOM   81  N N3    . DG  A 1 4  ? 1.783   -3.411  -1.789  1.00 36.36 ? 4  DG  A N3    1 
ATOM   82  C C4    . DG  A 1 4  ? 3.099   -3.627  -1.944  1.00 39.98 ? 4  DG  A C4    1 
ATOM   83  P P     . DC  A 1 5  ? 2.828   -0.669  -7.553  1.00 63.29 ? 5  DC  A P     1 
ATOM   84  O OP1   . DC  A 1 5  ? 2.269   -0.496  -8.933  1.00 61.07 ? 5  DC  A OP1   1 
ATOM   85  O OP2   . DC  A 1 5  ? 3.518   0.450   -6.812  1.00 61.95 ? 5  DC  A OP2   1 
ATOM   86  O "O5'" . DC  A 1 5  ? 1.490   -1.159  -6.839  1.00 61.72 ? 5  DC  A "O5'" 1 
ATOM   87  C "C5'" . DC  A 1 5  ? 0.422   -0.215  -6.815  1.00 60.16 ? 5  DC  A "C5'" 1 
ATOM   88  C "C4'" . DC  A 1 5  ? 0.142   0.307   -5.404  1.00 57.08 ? 5  DC  A "C4'" 1 
ATOM   89  O "O4'" . DC  A 1 5  ? 0.961   -0.262  -4.315  1.00 56.26 ? 5  DC  A "O4'" 1 
ATOM   90  C "C3'" . DC  A 1 5  ? 0.314   1.793   -5.263  1.00 53.92 ? 5  DC  A "C3'" 1 
ATOM   91  O "O3'" . DC  A 1 5  ? -0.732  2.063   -4.400  1.00 53.62 ? 5  DC  A "O3'" 1 
ATOM   92  C "C2'" . DC  A 1 5  ? 1.623   1.877   -4.504  1.00 52.37 ? 5  DC  A "C2'" 1 
ATOM   93  C "C1'" . DC  A 1 5  ? 1.371   0.790   -3.467  1.00 49.10 ? 5  DC  A "C1'" 1 
ATOM   94  N N1    . DC  A 1 5  ? 2.533   0.399   -2.614  1.00 42.94 ? 5  DC  A N1    1 
ATOM   95  C C2    . DC  A 1 5  ? 2.315   -0.007  -1.282  1.00 42.62 ? 5  DC  A C2    1 
ATOM   96  O O2    . DC  A 1 5  ? 1.169   -0.064  -0.822  1.00 42.99 ? 5  DC  A O2    1 
ATOM   97  N N3    . DC  A 1 5  ? 3.357   -0.355  -0.504  1.00 42.05 ? 5  DC  A N3    1 
ATOM   98  C C4    . DC  A 1 5  ? 4.571   -0.284  -1.043  1.00 43.30 ? 5  DC  A C4    1 
ATOM   99  N N4    . DC  A 1 5  ? 5.596   -0.618  -0.275  1.00 45.63 ? 5  DC  A N4    1 
ATOM   100 C C5    . DC  A 1 5  ? 4.823   0.131   -2.384  1.00 42.51 ? 5  DC  A C5    1 
ATOM   101 C C6    . DC  A 1 5  ? 3.777   0.460   -3.131  1.00 41.01 ? 5  DC  A C6    1 
ATOM   102 P P     . DG  A 1 6  ? -1.850  2.993   -5.021  1.00 55.49 ? 6  DG  A P     1 
ATOM   103 O OP1   . DG  A 1 6  ? -2.936  2.186   -5.678  1.00 57.35 ? 6  DG  A OP1   1 
ATOM   104 O OP2   . DG  A 1 6  ? -1.118  3.999   -5.835  1.00 53.51 ? 6  DG  A OP2   1 
ATOM   105 O "O5'" . DG  A 1 6  ? -2.477  3.545   -3.647  1.00 52.04 ? 6  DG  A "O5'" 1 
ATOM   106 C "C5'" . DG  A 1 6  ? -3.029  2.623   -2.701  1.00 45.72 ? 6  DG  A "C5'" 1 
ATOM   107 C "C4'" . DG  A 1 6  ? -2.965  3.293   -1.353  1.00 43.19 ? 6  DG  A "C4'" 1 
ATOM   108 O "O4'" . DG  A 1 6  ? -1.693  3.002   -0.696  1.00 43.42 ? 6  DG  A "O4'" 1 
ATOM   109 C "C3'" . DG  A 1 6  ? -3.019  4.803   -1.404  1.00 41.12 ? 6  DG  A "C3'" 1 
ATOM   110 O "O3'" . DG  A 1 6  ? -3.767  5.189   -0.301  1.00 41.13 ? 6  DG  A "O3'" 1 
ATOM   111 C "C2'" . DG  A 1 6  ? -1.543  5.187   -1.271  1.00 40.19 ? 6  DG  A "C2'" 1 
ATOM   112 C "C1'" . DG  A 1 6  ? -1.004  4.169   -0.265  1.00 38.72 ? 6  DG  A "C1'" 1 
ATOM   113 N N9    . DG  A 1 6  ? 0.464   3.907   -0.281  1.00 36.89 ? 6  DG  A N9    1 
ATOM   114 C C8    . DG  A 1 6  ? 1.341   4.172   -1.336  1.00 38.86 ? 6  DG  A C8    1 
ATOM   115 N N7    . DG  A 1 6  ? 2.613   3.851   -1.147  1.00 37.54 ? 6  DG  A N7    1 
ATOM   116 C C5    . DG  A 1 6  ? 2.605   3.317   0.132   1.00 34.60 ? 6  DG  A C5    1 
ATOM   117 C C6    . DG  A 1 6  ? 3.707   2.808   0.850   1.00 35.19 ? 6  DG  A C6    1 
ATOM   118 O O6    . DG  A 1 6  ? 4.921   2.721   0.494   1.00 37.41 ? 6  DG  A O6    1 
ATOM   119 N N1    . DG  A 1 6  ? 3.283   2.369   2.098   1.00 33.62 ? 6  DG  A N1    1 
ATOM   120 C C2    . DG  A 1 6  ? 1.987   2.437   2.528   1.00 31.93 ? 6  DG  A C2    1 
ATOM   121 N N2    . DG  A 1 6  ? 1.779   1.964   3.738   1.00 32.23 ? 6  DG  A N2    1 
ATOM   122 N N3    . DG  A 1 6  ? 0.956   2.924   1.887   1.00 31.83 ? 6  DG  A N3    1 
ATOM   123 C C4    . DG  A 1 6  ? 1.322   3.346   0.677   1.00 34.36 ? 6  DG  A C4    1 
ATOM   124 P P     . DC  A 1 7  ? -5.354  4.969   -0.349  1.00 45.04 ? 7  DC  A P     1 
ATOM   125 O OP1   . DC  A 1 7  ? -5.683  5.033   1.107   1.00 44.21 ? 7  DC  A OP1   1 
ATOM   126 O OP2   . DC  A 1 7  ? -5.794  3.825   -1.211  1.00 42.99 ? 7  DC  A OP2   1 
ATOM   127 O "O5'" . DC  A 1 7  ? -5.960  6.236   -1.138  1.00 43.53 ? 7  DC  A "O5'" 1 
ATOM   128 C "C5'" . DC  A 1 7  ? -6.032  7.528   -0.503  1.00 42.70 ? 7  DC  A "C5'" 1 
ATOM   129 C "C4'" . DC  A 1 7  ? -6.421  8.764   -1.311  1.00 40.92 ? 7  DC  A "C4'" 1 
ATOM   130 O "O4'" . DC  A 1 7  ? -5.851  8.801   -2.635  1.00 40.77 ? 7  DC  A "O4'" 1 
ATOM   131 C "C3'" . DC  A 1 7  ? -7.895  8.950   -1.504  1.00 41.74 ? 7  DC  A "C3'" 1 
ATOM   132 O "O3'" . DC  A 1 7  ? -8.180  10.241  -1.093  1.00 46.99 ? 7  DC  A "O3'" 1 
ATOM   133 C "C2'" . DC  A 1 7  ? -8.167  8.791   -2.998  1.00 40.19 ? 7  DC  A "C2'" 1 
ATOM   134 C "C1'" . DC  A 1 7  ? -6.826  8.957   -3.646  1.00 38.20 ? 7  DC  A "C1'" 1 
ATOM   135 N N1    . DC  A 1 7  ? -6.462  8.065   -4.791  1.00 35.78 ? 7  DC  A N1    1 
ATOM   136 C C2    . DC  A 1 7  ? -7.003  8.301   -6.030  1.00 37.93 ? 7  DC  A C2    1 
ATOM   137 O O2    . DC  A 1 7  ? -7.826  9.196   -6.132  1.00 43.00 ? 7  DC  A O2    1 
ATOM   138 N N3    . DC  A 1 7  ? -6.656  7.570   -7.095  1.00 36.69 ? 7  DC  A N3    1 
ATOM   139 C C4    . DC  A 1 7  ? -5.758  6.633   -6.922  1.00 35.70 ? 7  DC  A C4    1 
ATOM   140 N N4    . DC  A 1 7  ? -5.429  5.922   -7.989  1.00 39.10 ? 7  DC  A N4    1 
ATOM   141 C C5    . DC  A 1 7  ? -5.162  6.361   -5.680  1.00 32.64 ? 7  DC  A C5    1 
ATOM   142 C C6    . DC  A 1 7  ? -5.543  7.103   -4.662  1.00 32.92 ? 7  DC  A C6    1 
ATOM   143 P P     . DC  A 1 8  ? -9.413  10.545  -0.114  1.00 51.90 ? 8  DC  A P     1 
ATOM   144 O OP1   . DC  A 1 8  ? -9.746  12.012  -0.289  1.00 51.33 ? 8  DC  A OP1   1 
ATOM   145 O OP2   . DC  A 1 8  ? -9.120  9.855   1.175   1.00 49.71 ? 8  DC  A OP2   1 
ATOM   146 O "O5'" . DC  A 1 8  ? -10.598 9.717   -0.771  1.00 49.66 ? 8  DC  A "O5'" 1 
ATOM   147 C "C5'" . DC  A 1 8  ? -10.821 10.232  -2.039  1.00 49.50 ? 8  DC  A "C5'" 1 
ATOM   148 C "C4'" . DC  A 1 8  ? -12.245 10.096  -2.490  1.00 50.45 ? 8  DC  A "C4'" 1 
ATOM   149 O "O4'" . DC  A 1 8  ? -12.277 9.183   -3.612  1.00 47.92 ? 8  DC  A "O4'" 1 
ATOM   150 C "C3'" . DC  A 1 8  ? -13.286 9.553   -1.525  1.00 50.99 ? 8  DC  A "C3'" 1 
ATOM   151 O "O3'" . DC  A 1 8  ? -14.483 9.952   -2.154  1.00 52.61 ? 8  DC  A "O3'" 1 
ATOM   152 C "C2'" . DC  A 1 8  ? -13.033 8.055   -1.659  1.00 48.79 ? 8  DC  A "C2'" 1 
ATOM   153 C "C1'" . DC  A 1 8  ? -12.673 7.935   -3.138  1.00 45.55 ? 8  DC  A "C1'" 1 
ATOM   154 N N1    . DC  A 1 8  ? -11.544 7.097   -3.431  1.00 42.15 ? 8  DC  A N1    1 
ATOM   155 C C2    . DC  A 1 8  ? -11.222 6.909   -4.797  1.00 41.05 ? 8  DC  A C2    1 
ATOM   156 O O2    . DC  A 1 8  ? -11.878 7.459   -5.694  1.00 38.90 ? 8  DC  A O2    1 
ATOM   157 N N3    . DC  A 1 8  ? -10.198 6.102   -5.120  1.00 42.37 ? 8  DC  A N3    1 
ATOM   158 C C4    . DC  A 1 8  ? -9.520  5.507   -4.122  1.00 44.14 ? 8  DC  A C4    1 
ATOM   159 N N4    . DC  A 1 8  ? -8.502  4.710   -4.494  1.00 45.10 ? 8  DC  A N4    1 
ATOM   160 C C5    . DC  A 1 8  ? -9.851  5.687   -2.718  1.00 42.89 ? 8  DC  A C5    1 
ATOM   161 C C6    . DC  A 1 8  ? -10.868 6.500   -2.404  1.00 40.95 ? 8  DC  A C6    1 
ATOM   162 P P     . DC  A 1 9  ? -15.868 9.998   -1.406  1.00 54.07 ? 9  DC  A P     1 
ATOM   163 O OP1   . DC  A 1 9  ? -16.282 11.410  -1.513  1.00 54.05 ? 9  DC  A OP1   1 
ATOM   164 O OP2   . DC  A 1 9  ? -15.724 9.338   -0.077  1.00 52.67 ? 9  DC  A OP2   1 
ATOM   165 O "O5'" . DC  A 1 9  ? -16.738 9.196   -2.489  1.00 52.62 ? 9  DC  A "O5'" 1 
ATOM   166 C "C5'" . DC  A 1 9  ? -16.595 9.743   -3.844  1.00 52.45 ? 9  DC  A "C5'" 1 
ATOM   167 C "C4'" . DC  A 1 9  ? -17.304 8.918   -4.929  1.00 53.49 ? 9  DC  A "C4'" 1 
ATOM   168 O "O4'" . DC  A 1 9  ? -16.497 7.803   -5.421  1.00 53.41 ? 9  DC  A "O4'" 1 
ATOM   169 C "C3'" . DC  A 1 9  ? -18.597 8.238   -4.506  1.00 53.39 ? 9  DC  A "C3'" 1 
ATOM   170 O "O3'" . DC  A 1 9  ? -19.266 7.737   -5.637  1.00 53.95 ? 9  DC  A "O3'" 1 
ATOM   171 C "C2'" . DC  A 1 9  ? -17.973 7.049   -3.784  1.00 53.53 ? 9  DC  A "C2'" 1 
ATOM   172 C "C1'" . DC  A 1 9  ? -16.989 6.590   -4.875  1.00 51.89 ? 9  DC  A "C1'" 1 
ATOM   173 N N1    . DC  A 1 9  ? -15.812 5.789   -4.404  1.00 49.94 ? 9  DC  A N1    1 
ATOM   174 C C2    . DC  A 1 9  ? -14.926 5.193   -5.336  1.00 47.83 ? 9  DC  A C2    1 
ATOM   175 O O2    . DC  A 1 9  ? -15.123 5.333   -6.559  1.00 44.95 ? 9  DC  A O2    1 
ATOM   176 N N3    . DC  A 1 9  ? -13.854 4.503   -4.836  1.00 45.84 ? 9  DC  A N3    1 
ATOM   177 C C4    . DC  A 1 9  ? -13.705 4.417   -3.487  1.00 47.54 ? 9  DC  A C4    1 
ATOM   178 N N4    . DC  A 1 9  ? -12.676 3.738   -2.987  1.00 48.73 ? 9  DC  A N4    1 
ATOM   179 C C5    . DC  A 1 9  ? -14.591 4.990   -2.525  1.00 47.26 ? 9  DC  A C5    1 
ATOM   180 C C6    . DC  A 1 9  ? -15.609 5.673   -3.043  1.00 49.83 ? 9  DC  A C6    1 
ATOM   181 P P     . DG  A 1 10 ? -20.332 8.530   -6.502  1.00 54.48 ? 10 DG  A P     1 
ATOM   182 O OP1   . DG  A 1 10 ? -19.630 9.662   -7.123  1.00 55.17 ? 10 DG  A OP1   1 
ATOM   183 O OP2   . DG  A 1 10 ? -21.490 8.816   -5.630  1.00 55.10 ? 10 DG  A OP2   1 
ATOM   184 O "O5'" . DG  A 1 10 ? -20.641 7.459   -7.673  1.00 53.45 ? 10 DG  A "O5'" 1 
ATOM   185 C "C5'" . DG  A 1 10 ? -20.042 7.742   -9.009  1.00 53.69 ? 10 DG  A "C5'" 1 
ATOM   186 C "C4'" . DG  A 1 10 ? -19.942 6.564   -9.998  1.00 54.78 ? 10 DG  A "C4'" 1 
ATOM   187 O "O4'" . DG  A 1 10 ? -19.256 5.459   -9.361  1.00 56.13 ? 10 DG  A "O4'" 1 
ATOM   188 C "C3'" . DG  A 1 10 ? -21.233 5.844   -10.426 1.00 55.39 ? 10 DG  A "C3'" 1 
ATOM   189 O "O3'" . DG  A 1 10 ? -21.040 4.897   -11.505 1.00 53.47 ? 10 DG  A "O3'" 1 
ATOM   190 C "C2'" . DG  A 1 10 ? -21.591 5.123   -9.123  1.00 54.18 ? 10 DG  A "C2'" 1 
ATOM   191 C "C1'" . DG  A 1 10 ? -20.212 4.559   -8.804  1.00 52.68 ? 10 DG  A "C1'" 1 
ATOM   192 N N9    . DG  A 1 10 ? -19.863 4.353   -7.397  1.00 49.90 ? 10 DG  A N9    1 
ATOM   193 C C8    . DG  A 1 10 ? -20.452 4.810   -6.225  1.00 48.62 ? 10 DG  A C8    1 
ATOM   194 N N7    . DG  A 1 10 ? -19.808 4.351   -5.174  1.00 47.15 ? 10 DG  A N7    1 
ATOM   195 C C5    . DG  A 1 10 ? -18.754 3.588   -5.683  1.00 44.96 ? 10 DG  A C5    1 
ATOM   196 C C6    . DG  A 1 10 ? -17.715 2.878   -5.035  1.00 44.78 ? 10 DG  A C6    1 
ATOM   197 O O6    . DG  A 1 10 ? -17.561 2.800   -3.792  1.00 46.05 ? 10 DG  A O6    1 
ATOM   198 N N1    . DG  A 1 10 ? -16.840 2.232   -5.963  1.00 39.99 ? 10 DG  A N1    1 
ATOM   199 C C2    . DG  A 1 10 ? -16.972 2.278   -7.342  1.00 37.59 ? 10 DG  A C2    1 
ATOM   200 N N2    . DG  A 1 10 ? -16.089 1.641   -8.099  1.00 31.05 ? 10 DG  A N2    1 
ATOM   201 N N3    . DG  A 1 10 ? -17.933 2.943   -7.950  1.00 40.68 ? 10 DG  A N3    1 
ATOM   202 C C4    . DG  A 1 10 ? -18.773 3.568   -7.058  1.00 45.72 ? 10 DG  A C4    1 
ATOM   203 O "O5'" . DC  B 1 1  ? 5.311   17.560  0.964   1.00 51.14 ? 11 DC  B "O5'" 1 
ATOM   204 C "C5'" . DC  B 1 1  ? 6.561   16.867  0.646   1.00 48.71 ? 11 DC  B "C5'" 1 
ATOM   205 C "C4'" . DC  B 1 1  ? 7.415   16.846  1.876   1.00 46.33 ? 11 DC  B "C4'" 1 
ATOM   206 O "O4'" . DC  B 1 1  ? 6.476   16.654  2.917   1.00 46.72 ? 11 DC  B "O4'" 1 
ATOM   207 C "C3'" . DC  B 1 1  ? 8.350   15.683  2.052   1.00 46.59 ? 11 DC  B "C3'" 1 
ATOM   208 O "O3'" . DC  B 1 1  ? 9.531   16.260  1.974   1.00 49.76 ? 11 DC  B "O3'" 1 
ATOM   209 C "C2'" . DC  B 1 1  ? 8.205   15.190  3.486   1.00 46.77 ? 11 DC  B "C2'" 1 
ATOM   210 C "C1'" . DC  B 1 1  ? 7.255   16.253  3.994   1.00 47.36 ? 11 DC  B "C1'" 1 
ATOM   211 N N1    . DC  B 1 1  ? 6.273   15.999  5.036   1.00 48.06 ? 11 DC  B N1    1 
ATOM   212 C C2    . DC  B 1 1  ? 6.664   15.391  6.219   1.00 49.88 ? 11 DC  B C2    1 
ATOM   213 O O2    . DC  B 1 1  ? 7.868   15.020  6.318   1.00 50.99 ? 11 DC  B O2    1 
ATOM   214 N N3    . DC  B 1 1  ? 5.700   15.233  7.191   1.00 49.43 ? 11 DC  B N3    1 
ATOM   215 C C4    . DC  B 1 1  ? 4.439   15.683  6.991   1.00 49.05 ? 11 DC  B C4    1 
ATOM   216 N N4    . DC  B 1 1  ? 3.502   15.538  7.958   1.00 49.45 ? 11 DC  B N4    1 
ATOM   217 C C5    . DC  B 1 1  ? 4.071   16.305  5.768   1.00 47.51 ? 11 DC  B C5    1 
ATOM   218 C C6    . DC  B 1 1  ? 5.009   16.440  4.842   1.00 47.29 ? 11 DC  B C6    1 
ATOM   219 P P     . DG  B 1 2  ? 10.266  16.189  0.582   1.00 55.70 ? 12 DG  B P     1 
ATOM   220 O OP1   . DG  B 1 2  ? 11.405  17.167  0.629   1.00 55.82 ? 12 DG  B OP1   1 
ATOM   221 O OP2   . DG  B 1 2  ? 9.189   16.289  -0.441  1.00 53.53 ? 12 DG  B OP2   1 
ATOM   222 O "O5'" . DG  B 1 2  ? 10.851  14.680  0.552   1.00 55.36 ? 12 DG  B "O5'" 1 
ATOM   223 C "C5'" . DG  B 1 2  ? 11.584  14.141  1.689   1.00 54.49 ? 12 DG  B "C5'" 1 
ATOM   224 C "C4'" . DG  B 1 2  ? 11.384  12.646  2.002   1.00 52.62 ? 12 DG  B "C4'" 1 
ATOM   225 O "O4'" . DG  B 1 2  ? 10.263  12.397  2.913   1.00 50.04 ? 12 DG  B "O4'" 1 
ATOM   226 C "C3'" . DG  B 1 2  ? 11.156  11.688  0.836   1.00 53.07 ? 12 DG  B "C3'" 1 
ATOM   227 O "O3'" . DG  B 1 2  ? 11.726  10.453  1.199   1.00 58.05 ? 12 DG  B "O3'" 1 
ATOM   228 C "C2'" . DG  B 1 2  ? 9.652   11.576  0.832   1.00 48.23 ? 12 DG  B "C2'" 1 
ATOM   229 C "C1'" . DG  B 1 2  ? 9.441   11.434  2.327   1.00 44.41 ? 12 DG  B "C1'" 1 
ATOM   230 N N9    . DG  B 1 2  ? 8.093   11.786  2.625   1.00 38.30 ? 12 DG  B N9    1 
ATOM   231 C C8    . DG  B 1 2  ? 7.227   12.295  1.694   1.00 37.11 ? 12 DG  B C8    1 
ATOM   232 N N7    . DG  B 1 2  ? 6.053   12.513  2.195   1.00 36.58 ? 12 DG  B N7    1 
ATOM   233 C C5    . DG  B 1 2  ? 6.164   12.130  3.545   1.00 36.19 ? 12 DG  B C5    1 
ATOM   234 C C6    . DG  B 1 2  ? 5.177   12.150  4.578   1.00 35.94 ? 12 DG  B C6    1 
ATOM   235 O O6    . DG  B 1 2  ? 4.001   12.539  4.446   1.00 39.71 ? 12 DG  B O6    1 
ATOM   236 N N1    . DG  B 1 2  ? 5.614   11.651  5.803   1.00 30.01 ? 12 DG  B N1    1 
ATOM   237 C C2    . DG  B 1 2  ? 6.904   11.230  5.978   1.00 32.53 ? 12 DG  B C2    1 
ATOM   238 N N2    . DG  B 1 2  ? 7.150   10.810  7.233   1.00 29.89 ? 12 DG  B N2    1 
ATOM   239 N N3    . DG  B 1 2  ? 7.883   11.224  5.028   1.00 33.37 ? 12 DG  B N3    1 
ATOM   240 C C4    . DG  B 1 2  ? 7.428   11.669  3.826   1.00 35.72 ? 12 DG  B C4    1 
ATOM   241 P P     . DG  B 1 3  ? 13.255  10.220  0.807   1.00 62.49 ? 13 DG  B P     1 
ATOM   242 O OP1   . DG  B 1 3  ? 14.019  11.444  1.235   1.00 62.17 ? 13 DG  B OP1   1 
ATOM   243 O OP2   . DG  B 1 3  ? 13.193  9.763   -0.616  1.00 61.59 ? 13 DG  B OP2   1 
ATOM   244 O "O5'" . DG  B 1 3  ? 13.691  8.968   1.735   1.00 58.95 ? 13 DG  B "O5'" 1 
ATOM   245 C "C5'" . DG  B 1 3  ? 13.701  9.081   3.190   1.00 54.33 ? 13 DG  B "C5'" 1 
ATOM   246 C "C4'" . DG  B 1 3  ? 12.818  8.033   3.895   1.00 50.93 ? 13 DG  B "C4'" 1 
ATOM   247 O "O4'" . DG  B 1 3  ? 11.397  8.331   3.808   1.00 47.35 ? 13 DG  B "O4'" 1 
ATOM   248 C "C3'" . DG  B 1 3  ? 12.896  6.597   3.368   1.00 49.62 ? 13 DG  B "C3'" 1 
ATOM   249 O "O3'" . DG  B 1 3  ? 12.833  5.710   4.440   1.00 51.39 ? 13 DG  B "O3'" 1 
ATOM   250 C "C2'" . DG  B 1 3  ? 11.617  6.448   2.572   1.00 45.71 ? 13 DG  B "C2'" 1 
ATOM   251 C "C1'" . DG  B 1 3  ? 10.674  7.147   3.518   1.00 42.56 ? 13 DG  B "C1'" 1 
ATOM   252 N N9    . DG  B 1 3  ? 9.453   7.598   2.890   1.00 38.01 ? 13 DG  B N9    1 
ATOM   253 C C8    . DG  B 1 3  ? 9.305   7.878   1.556   1.00 37.31 ? 13 DG  B C8    1 
ATOM   254 N N7    . DG  B 1 3  ? 8.104   8.288   1.260   1.00 36.61 ? 13 DG  B N7    1 
ATOM   255 C C5    . DG  B 1 3  ? 7.424   8.304   2.478   1.00 33.95 ? 13 DG  B C5    1 
ATOM   256 C C6    . DG  B 1 3  ? 6.087   8.701   2.753   1.00 32.86 ? 13 DG  B C6    1 
ATOM   257 O O6    . DG  B 1 3  ? 5.208   9.108   1.959   1.00 33.02 ? 13 DG  B O6    1 
ATOM   258 N N1    . DG  B 1 3  ? 5.799   8.588   4.101   1.00 30.42 ? 13 DG  B N1    1 
ATOM   259 C C2    . DG  B 1 3  ? 6.682   8.129   5.035   1.00 30.78 ? 13 DG  B C2    1 
ATOM   260 N N2    . DG  B 1 3  ? 6.151   8.092   6.265   1.00 32.92 ? 13 DG  B N2    1 
ATOM   261 N N3    . DG  B 1 3  ? 7.944   7.759   4.814   1.00 30.03 ? 13 DG  B N3    1 
ATOM   262 C C4    . DG  B 1 3  ? 8.243   7.877   3.499   1.00 33.96 ? 13 DG  B C4    1 
ATOM   263 P P     . DG  B 1 4  ? 14.021  4.696   4.795   1.00 53.46 ? 14 DG  B P     1 
ATOM   264 O OP1   . DG  B 1 4  ? 15.289  5.428   5.028   1.00 51.90 ? 14 DG  B OP1   1 
ATOM   265 O OP2   . DG  B 1 4  ? 13.923  3.545   3.842   1.00 55.16 ? 14 DG  B OP2   1 
ATOM   266 O "O5'" . DG  B 1 4  ? 13.533  4.257   6.249   1.00 53.00 ? 14 DG  B "O5'" 1 
ATOM   267 C "C5'" . DG  B 1 4  ? 12.608  5.052   7.001   1.00 53.27 ? 14 DG  B "C5'" 1 
ATOM   268 C "C4'" . DG  B 1 4  ? 11.601  4.181   7.747   1.00 54.56 ? 14 DG  B "C4'" 1 
ATOM   269 O "O4'" . DG  B 1 4  ? 10.328  4.120   7.038   1.00 55.47 ? 14 DG  B "O4'" 1 
ATOM   270 C "C3'" . DG  B 1 4  ? 11.907  2.712   7.904   1.00 55.80 ? 14 DG  B "C3'" 1 
ATOM   271 O "O3'" . DG  B 1 4  ? 11.134  2.351   9.082   1.00 59.58 ? 14 DG  B "O3'" 1 
ATOM   272 C "C2'" . DG  B 1 4  ? 11.480  2.191   6.495   1.00 53.38 ? 14 DG  B "C2'" 1 
ATOM   273 C "C1'" . DG  B 1 4  ? 10.141  2.915   6.281   1.00 51.91 ? 14 DG  B "C1'" 1 
ATOM   274 N N9    . DG  B 1 4  ? 9.624   3.302   4.929   1.00 48.47 ? 14 DG  B N9    1 
ATOM   275 C C8    . DG  B 1 4  ? 10.302  3.240   3.714   1.00 47.98 ? 14 DG  B C8    1 
ATOM   276 N N7    . DG  B 1 4  ? 9.590   3.673   2.691   1.00 45.31 ? 14 DG  B N7    1 
ATOM   277 C C5    . DG  B 1 4  ? 8.364   4.062   3.237   1.00 43.00 ? 14 DG  B C5    1 
ATOM   278 C C6    . DG  B 1 4  ? 7.217   4.624   2.591   1.00 41.67 ? 14 DG  B C6    1 
ATOM   279 O O6    . DG  B 1 4  ? 7.093   4.860   1.386   1.00 41.98 ? 14 DG  B O6    1 
ATOM   280 N N1    . DG  B 1 4  ? 6.147   4.910   3.452   1.00 39.47 ? 14 DG  B N1    1 
ATOM   281 C C2    . DG  B 1 4  ? 6.219   4.648   4.806   1.00 39.99 ? 14 DG  B C2    1 
ATOM   282 N N2    . DG  B 1 4  ? 5.106   4.962   5.465   1.00 37.15 ? 14 DG  B N2    1 
ATOM   283 N N3    . DG  B 1 4  ? 7.288   4.122   5.458   1.00 41.13 ? 14 DG  B N3    1 
ATOM   284 C C4    . DG  B 1 4  ? 8.349   3.845   4.614   1.00 44.27 ? 14 DG  B C4    1 
ATOM   285 P P     . DC  B 1 5  ? 10.828  0.838   9.610   1.00 63.92 ? 15 DC  B P     1 
ATOM   286 O OP1   . DC  B 1 5  ? 11.032  0.970   11.068  1.00 64.11 ? 15 DC  B OP1   1 
ATOM   287 O OP2   . DC  B 1 5  ? 11.550  -0.205  8.813   1.00 62.88 ? 15 DC  B OP2   1 
ATOM   288 O "O5'" . DC  B 1 5  ? 9.272   0.552   9.354   1.00 62.75 ? 15 DC  B "O5'" 1 
ATOM   289 C "C5'" . DC  B 1 5  ? 8.295   1.281   10.065  1.00 63.15 ? 15 DC  B "C5'" 1 
ATOM   290 C "C4'" . DC  B 1 5  ? 6.945   0.833   9.539   1.00 63.35 ? 15 DC  B "C4'" 1 
ATOM   291 O "O4'" . DC  B 1 5  ? 6.733   1.255   8.149   1.00 62.80 ? 15 DC  B "O4'" 1 
ATOM   292 C "C3'" . DC  B 1 5  ? 6.729   -0.661  9.553   1.00 62.61 ? 15 DC  B "C3'" 1 
ATOM   293 O "O3'" . DC  B 1 5  ? 5.565   -0.782  10.331  1.00 66.27 ? 15 DC  B "O3'" 1 
ATOM   294 C "C2'" . DC  B 1 5  ? 6.518   -1.010  8.068   1.00 60.35 ? 15 DC  B "C2'" 1 
ATOM   295 C "C1'" . DC  B 1 5  ? 6.041   0.285   7.386   1.00 56.17 ? 15 DC  B "C1'" 1 
ATOM   296 N N1    . DC  B 1 5  ? 6.334   0.510   5.865   1.00 49.74 ? 15 DC  B N1    1 
ATOM   297 C C2    . DC  B 1 5  ? 5.380   1.078   4.987   1.00 48.58 ? 15 DC  B C2    1 
ATOM   298 O O2    . DC  B 1 5  ? 4.277   1.410   5.417   1.00 48.94 ? 15 DC  B O2    1 
ATOM   299 N N3    . DC  B 1 5  ? 5.669   1.254   3.655   1.00 46.68 ? 15 DC  B N3    1 
ATOM   300 C C4    . DC  B 1 5  ? 6.870   0.901   3.169   1.00 45.11 ? 15 DC  B C4    1 
ATOM   301 N N4    . DC  B 1 5  ? 7.118   1.092   1.866   1.00 45.57 ? 15 DC  B N4    1 
ATOM   302 C C5    . DC  B 1 5  ? 7.867   0.337   4.018   1.00 43.94 ? 15 DC  B C5    1 
ATOM   303 C C6    . DC  B 1 5  ? 7.556   0.177   5.321   1.00 46.38 ? 15 DC  B C6    1 
ATOM   304 P P     . DG  B 1 6  ? 5.127   -2.198  10.925  1.00 70.80 ? 16 DG  B P     1 
ATOM   305 O OP1   . DG  B 1 6  ? 4.693   -1.920  12.308  1.00 71.86 ? 16 DG  B OP1   1 
ATOM   306 O OP2   . DG  B 1 6  ? 6.222   -3.160  10.613  1.00 70.64 ? 16 DG  B OP2   1 
ATOM   307 O "O5'" . DG  B 1 6  ? 3.812   -2.641  10.116  1.00 69.57 ? 16 DG  B "O5'" 1 
ATOM   308 C "C5'" . DG  B 1 6  ? 2.599   -1.920  10.274  1.00 69.11 ? 16 DG  B "C5'" 1 
ATOM   309 C "C4'" . DG  B 1 6  ? 1.716   -2.194  9.070   1.00 69.73 ? 16 DG  B "C4'" 1 
ATOM   310 O "O4'" . DG  B 1 6  ? 2.290   -1.751  7.800   1.00 68.87 ? 16 DG  B "O4'" 1 
ATOM   311 C "C3'" . DG  B 1 6  ? 1.441   -3.664  8.817   1.00 71.63 ? 16 DG  B "C3'" 1 
ATOM   312 O "O3'" . DG  B 1 6  ? 0.084   -3.798  8.328   1.00 75.15 ? 16 DG  B "O3'" 1 
ATOM   313 C "C2'" . DG  B 1 6  ? 2.492   -3.995  7.755   1.00 69.03 ? 16 DG  B "C2'" 1 
ATOM   314 C "C1'" . DG  B 1 6  ? 2.201   -2.808  6.862   1.00 65.85 ? 16 DG  B "C1'" 1 
ATOM   315 N N9    . DG  B 1 6  ? 3.193   -2.672  5.820   1.00 61.19 ? 16 DG  B N9    1 
ATOM   316 C C8    . DG  B 1 6  ? 4.501   -3.029  5.984   1.00 58.13 ? 16 DG  B C8    1 
ATOM   317 N N7    . DG  B 1 6  ? 5.195   -2.812  4.910   1.00 56.83 ? 16 DG  B N7    1 
ATOM   318 C C5    . DG  B 1 6  ? 4.296   -2.290  3.998   1.00 55.51 ? 16 DG  B C5    1 
ATOM   319 C C6    . DG  B 1 6  ? 4.530   -1.879  2.684   1.00 54.18 ? 16 DG  B C6    1 
ATOM   320 O O6    . DG  B 1 6  ? 5.611   -1.920  2.126   1.00 55.14 ? 16 DG  B O6    1 
ATOM   321 N N1    . DG  B 1 6  ? 3.415   -1.403  2.016   1.00 53.94 ? 16 DG  B N1    1 
ATOM   322 C C2    . DG  B 1 6  ? 2.184   -1.332  2.617   1.00 56.50 ? 16 DG  B C2    1 
ATOM   323 N N2    . DG  B 1 6  ? 1.210   -0.822  1.837   1.00 56.25 ? 16 DG  B N2    1 
ATOM   324 N N3    . DG  B 1 6  ? 1.938   -1.712  3.890   1.00 57.54 ? 16 DG  B N3    1 
ATOM   325 C C4    . DG  B 1 6  ? 3.045   -2.192  4.524   1.00 57.72 ? 16 DG  B C4    1 
ATOM   326 P P     . DC  B 1 7  ? -1.050  -4.144  9.399   1.00 75.20 ? 17 DC  B P     1 
ATOM   327 O OP1   . DC  B 1 7  ? -1.162  -2.921  10.288  1.00 73.67 ? 17 DC  B OP1   1 
ATOM   328 O OP2   . DC  B 1 7  ? -0.658  -5.538  9.821   1.00 73.39 ? 17 DC  B OP2   1 
ATOM   329 O "O5'" . DC  B 1 7  ? -2.425  -4.253  8.589   1.00 73.10 ? 17 DC  B "O5'" 1 
ATOM   330 C "C5'" . DC  B 1 7  ? -2.891  -3.067  7.971   1.00 71.31 ? 17 DC  B "C5'" 1 
ATOM   331 C "C4'" . DC  B 1 7  ? -2.970  -3.276  6.464   1.00 68.79 ? 17 DC  B "C4'" 1 
ATOM   332 O "O4'" . DC  B 1 7  ? -1.648  -3.460  5.861   1.00 64.51 ? 17 DC  B "O4'" 1 
ATOM   333 C "C3'" . DC  B 1 7  ? -3.859  -4.457  6.083   1.00 68.43 ? 17 DC  B "C3'" 1 
ATOM   334 O "O3'" . DC  B 1 7  ? -5.005  -3.849  5.424   1.00 70.15 ? 17 DC  B "O3'" 1 
ATOM   335 C "C2'" . DC  B 1 7  ? -2.867  -5.353  5.297   1.00 66.09 ? 17 DC  B "C2'" 1 
ATOM   336 C "C1'" . DC  B 1 7  ? -1.776  -4.373  4.805   1.00 61.06 ? 17 DC  B "C1'" 1 
ATOM   337 N N1    . DC  B 1 7  ? -0.373  -4.847  4.483   1.00 53.05 ? 17 DC  B N1    1 
ATOM   338 C C2    . DC  B 1 7  ? 0.223   -4.522  3.257   1.00 49.16 ? 17 DC  B C2    1 
ATOM   339 O O2    . DC  B 1 7  ? -0.368  -3.873  2.416   1.00 47.54 ? 17 DC  B O2    1 
ATOM   340 N N3    . DC  B 1 7  ? 1.460   -4.911  2.975   1.00 46.63 ? 17 DC  B N3    1 
ATOM   341 C C4    . DC  B 1 7  ? 2.122   -5.602  3.875   1.00 47.75 ? 17 DC  B C4    1 
ATOM   342 N N4    . DC  B 1 7  ? 3.368   -5.966  3.560   1.00 47.43 ? 17 DC  B N4    1 
ATOM   343 C C5    . DC  B 1 7  ? 1.558   -5.952  5.136   1.00 48.98 ? 17 DC  B C5    1 
ATOM   344 C C6    . DC  B 1 7  ? 0.317   -5.552  5.401   1.00 50.59 ? 17 DC  B C6    1 
ATOM   345 P P     . DC  B 1 8  ? -6.039  -4.598  4.443   1.00 73.97 ? 18 DC  B P     1 
ATOM   346 O OP1   . DC  B 1 8  ? -6.998  -3.565  3.953   1.00 71.06 ? 18 DC  B OP1   1 
ATOM   347 O OP2   . DC  B 1 8  ? -6.462  -5.872  5.134   1.00 72.87 ? 18 DC  B OP2   1 
ATOM   348 O "O5'" . DC  B 1 8  ? -5.161  -4.947  3.154   1.00 71.96 ? 18 DC  B "O5'" 1 
ATOM   349 C "C5'" . DC  B 1 8  ? -4.739  -3.916  2.265   1.00 73.39 ? 18 DC  B "C5'" 1 
ATOM   350 C "C4'" . DC  B 1 8  ? -4.752  -4.459  0.847   1.00 74.00 ? 18 DC  B "C4'" 1 
ATOM   351 O "O4'" . DC  B 1 8  ? -3.509  -5.160  0.546   1.00 74.00 ? 18 DC  B "O4'" 1 
ATOM   352 C "C3'" . DC  B 1 8  ? -5.788  -5.530  0.606   1.00 75.76 ? 18 DC  B "C3'" 1 
ATOM   353 O "O3'" . DC  B 1 8  ? -5.888  -5.717  -0.772  1.00 78.83 ? 18 DC  B "O3'" 1 
ATOM   354 C "C2'" . DC  B 1 8  ? -5.078  -6.761  1.173   1.00 74.92 ? 18 DC  B "C2'" 1 
ATOM   355 C "C1'" . DC  B 1 8  ? -3.670  -6.585  0.581   1.00 71.16 ? 18 DC  B "C1'" 1 
ATOM   356 N N1    . DC  B 1 8  ? -2.536  -7.156  1.360   1.00 65.64 ? 18 DC  B N1    1 
ATOM   357 C C2    . DC  B 1 8  ? -1.236  -7.017  0.855   1.00 62.10 ? 18 DC  B C2    1 
ATOM   358 O O2    . DC  B 1 8  ? -1.017  -6.467  -0.219  1.00 58.65 ? 18 DC  B O2    1 
ATOM   359 N N3    . DC  B 1 8  ? -0.222  -7.501  1.576   1.00 61.64 ? 18 DC  B N3    1 
ATOM   360 C C4    . DC  B 1 8  ? -0.496  -8.094  2.736   1.00 63.76 ? 18 DC  B C4    1 
ATOM   361 N N4    . DC  B 1 8  ? 0.561   -8.560  3.375   1.00 65.21 ? 18 DC  B N4    1 
ATOM   362 C C5    . DC  B 1 8  ? -1.798  -8.266  3.301   1.00 63.88 ? 18 DC  B C5    1 
ATOM   363 C C6    . DC  B 1 8  ? -2.783  -7.770  2.565   1.00 65.41 ? 18 DC  B C6    1 
ATOM   364 P P     . DC  B 1 9  ? -7.272  -6.037  -1.512  1.00 82.75 ? 19 DC  B P     1 
ATOM   365 O OP1   . DC  B 1 9  ? -8.255  -5.054  -0.992  1.00 83.02 ? 19 DC  B OP1   1 
ATOM   366 O OP2   . DC  B 1 9  ? -7.620  -7.503  -1.619  1.00 82.54 ? 19 DC  B OP2   1 
ATOM   367 O "O5'" . DC  B 1 9  ? -6.795  -5.528  -2.948  1.00 80.45 ? 19 DC  B "O5'" 1 
ATOM   368 C "C5'" . DC  B 1 9  ? -5.409  -5.278  -3.172  1.00 76.15 ? 19 DC  B "C5'" 1 
ATOM   369 C "C4'" . DC  B 1 9  ? -4.933  -6.217  -4.254  1.00 72.13 ? 19 DC  B "C4'" 1 
ATOM   370 O "O4'" . DC  B 1 9  ? -4.021  -7.192  -3.710  1.00 71.43 ? 19 DC  B "O4'" 1 
ATOM   371 C "C3'" . DC  B 1 9  ? -6.004  -7.020  -4.950  1.00 70.50 ? 19 DC  B "C3'" 1 
ATOM   372 O "O3'" . DC  B 1 9  ? -5.468  -6.996  -6.243  1.00 69.45 ? 19 DC  B "O3'" 1 
ATOM   373 C "C2'" . DC  B 1 9  ? -6.014  -8.359  -4.188  1.00 69.74 ? 19 DC  B "C2'" 1 
ATOM   374 C "C1'" . DC  B 1 9  ? -4.541  -8.497  -3.786  1.00 69.32 ? 19 DC  B "C1'" 1 
ATOM   375 N N1    . DC  B 1 9  ? -4.141  -9.112  -2.465  1.00 66.90 ? 19 DC  B N1    1 
ATOM   376 C C2    . DC  B 1 9  ? -2.770  -9.445  -2.275  1.00 64.35 ? 19 DC  B C2    1 
ATOM   377 O O2    . DC  B 1 9  ? -1.926  -9.253  -3.187  1.00 58.69 ? 19 DC  B O2    1 
ATOM   378 N N3    . DC  B 1 9  ? -2.430  -10.001 -1.061  1.00 64.93 ? 19 DC  B N3    1 
ATOM   379 C C4    . DC  B 1 9  ? -3.369  -10.203 -0.093  1.00 65.86 ? 19 DC  B C4    1 
ATOM   380 N N4    . DC  B 1 9  ? -2.984  -10.736 1.076   1.00 64.54 ? 19 DC  B N4    1 
ATOM   381 C C5    . DC  B 1 9  ? -4.753  -9.872  -0.282  1.00 65.42 ? 19 DC  B C5    1 
ATOM   382 C C6    . DC  B 1 9  ? -5.075  -9.327  -1.469  1.00 66.39 ? 19 DC  B C6    1 
ATOM   383 P P     . DG  B 1 10 ? -5.963  -7.910  -7.455  1.00 70.88 ? 20 DG  B P     1 
ATOM   384 O OP1   . DG  B 1 10 ? -6.544  -6.928  -8.399  1.00 71.09 ? 20 DG  B OP1   1 
ATOM   385 O OP2   . DG  B 1 10 ? -6.809  -9.072  -7.023  1.00 69.08 ? 20 DG  B OP2   1 
ATOM   386 O "O5'" . DG  B 1 10 ? -4.552  -8.415  -8.085  1.00 67.54 ? 20 DG  B "O5'" 1 
ATOM   387 C "C5'" . DG  B 1 10 ? -3.188  -8.252  -7.553  1.00 63.07 ? 20 DG  B "C5'" 1 
ATOM   388 C "C4'" . DG  B 1 10 ? -2.182  -9.202  -8.252  1.00 60.15 ? 20 DG  B "C4'" 1 
ATOM   389 O "O4'" . DG  B 1 10 ? -1.662  -10.256 -7.376  1.00 59.48 ? 20 DG  B "O4'" 1 
ATOM   390 C "C3'" . DG  B 1 10 ? -2.672  -10.060 -9.418  1.00 58.89 ? 20 DG  B "C3'" 1 
ATOM   391 O "O3'" . DG  B 1 10 ? -1.555  -10.312 -10.286 1.00 57.56 ? 20 DG  B "O3'" 1 
ATOM   392 C "C2'" . DG  B 1 10 ? -3.240  -11.335 -8.742  1.00 55.93 ? 20 DG  B "C2'" 1 
ATOM   393 C "C1'" . DG  B 1 10 ? -2.287  -11.551 -7.568  1.00 53.81 ? 20 DG  B "C1'" 1 
ATOM   394 N N9    . DG  B 1 10 ? -2.869  -11.887 -6.260  1.00 49.44 ? 20 DG  B N9    1 
ATOM   395 C C8    . DG  B 1 10 ? -4.175  -11.680 -5.854  1.00 48.99 ? 20 DG  B C8    1 
ATOM   396 N N7    . DG  B 1 10 ? -4.417  -12.005 -4.606  1.00 47.35 ? 20 DG  B N7    1 
ATOM   397 C C5    . DG  B 1 10 ? -3.183  -12.451 -4.128  1.00 46.76 ? 20 DG  B C5    1 
ATOM   398 C C6    . DG  B 1 10 ? -2.823  -12.943 -2.825  1.00 47.73 ? 20 DG  B C6    1 
ATOM   399 O O6    . DG  B 1 10 ? -3.536  -13.101 -1.789  1.00 49.91 ? 20 DG  B O6    1 
ATOM   400 N N1    . DG  B 1 10 ? -1.460  -13.269 -2.766  1.00 45.21 ? 20 DG  B N1    1 
ATOM   401 C C2    . DG  B 1 10 ? -0.570  -13.157 -3.813  1.00 43.75 ? 20 DG  B C2    1 
ATOM   402 N N2    . DG  B 1 10 ? 0.697   -13.531 -3.523  1.00 41.05 ? 20 DG  B N2    1 
ATOM   403 N N3    . DG  B 1 10 ? -0.910  -12.713 -5.030  1.00 44.50 ? 20 DG  B N3    1 
ATOM   404 C C4    . DG  B 1 10 ? -2.222  -12.375 -5.127  1.00 46.38 ? 20 DG  B C4    1 
HETATM 405 O O     . HOH C 2 .  ? -1.206  2.113   7.417   1.00 36.00 ? 11 HOH A O     1 
HETATM 406 O O     . HOH C 2 .  ? -15.682 5.800   -9.336  1.00 28.42 ? 12 HOH A O     1 
HETATM 407 O O     . HOH C 2 .  ? -20.710 4.082   -0.894  1.00 52.22 ? 13 HOH A O     1 
HETATM 408 O O     . HOH C 2 .  ? -13.765 13.593  -1.419  1.00 30.16 ? 14 HOH A O     1 
HETATM 409 O O     . HOH C 2 .  ? -1.029  1.554   3.595   1.00 31.73 ? 15 HOH A O     1 
HETATM 410 O O     . HOH C 2 .  ? -4.084  -16.043 6.012   1.00 37.38 ? 16 HOH A O     1 
HETATM 411 O O     . HOH C 2 .  ? 3.970   -17.797 7.388   1.00 36.45 ? 17 HOH A O     1 
HETATM 412 O O     . HOH C 2 .  ? -18.531 5.802   -14.178 1.00 39.52 ? 18 HOH A O     1 
HETATM 413 O O     . HOH D 2 .  ? 7.564   -4.920  2.981   1.00 40.53 ? 4  HOH B O     1 
HETATM 414 O O     . HOH D 2 .  ? 14.882  6.243   -0.118  1.00 39.48 ? 9  HOH B O     1 
# 
loop_
_pdbx_poly_seq_scheme.asym_id 
_pdbx_poly_seq_scheme.entity_id 
_pdbx_poly_seq_scheme.seq_id 
_pdbx_poly_seq_scheme.mon_id 
_pdbx_poly_seq_scheme.ndb_seq_num 
_pdbx_poly_seq_scheme.pdb_seq_num 
_pdbx_poly_seq_scheme.auth_seq_num 
_pdbx_poly_seq_scheme.pdb_mon_id 
_pdbx_poly_seq_scheme.auth_mon_id 
_pdbx_poly_seq_scheme.pdb_strand_id 
_pdbx_poly_seq_scheme.pdb_ins_code 
_pdbx_poly_seq_scheme.hetero 
A 1 1  DC 1  1  1  DC C A . n 
A 1 2  DG 2  2  2  DG G A . n 
A 1 3  DG 3  3  3  DG G A . n 
A 1 4  DG 4  4  4  DG G A . n 
A 1 5  DC 5  5  5  DC C A . n 
A 1 6  DG 6  6  6  DG G A . n 
A 1 7  DC 7  7  7  DC C A . n 
A 1 8  DC 8  8  8  DC C A . n 
A 1 9  DC 9  9  9  DC C A . n 
A 1 10 DG 10 10 10 DG G A . n 
B 1 1  DC 1  11 11 DC C B . n 
B 1 2  DG 2  12 12 DG G B . n 
B 1 3  DG 3  13 13 DG G B . n 
B 1 4  DG 4  14 14 DG G B . n 
B 1 5  DC 5  15 15 DC C B . n 
B 1 6  DG 6  16 16 DG G B . n 
B 1 7  DC 7  17 17 DC C B . n 
B 1 8  DC 8  18 18 DC C B . n 
B 1 9  DC 9  19 19 DC C B . n 
B 1 10 DG 10 20 20 DG G B . n 
# 
loop_
_pdbx_nonpoly_scheme.asym_id 
_pdbx_nonpoly_scheme.entity_id 
_pdbx_nonpoly_scheme.mon_id 
_pdbx_nonpoly_scheme.ndb_seq_num 
_pdbx_nonpoly_scheme.pdb_seq_num 
_pdbx_nonpoly_scheme.auth_seq_num 
_pdbx_nonpoly_scheme.pdb_mon_id 
_pdbx_nonpoly_scheme.auth_mon_id 
_pdbx_nonpoly_scheme.pdb_strand_id 
_pdbx_nonpoly_scheme.pdb_ins_code 
C 2 HOH 1 11 1  HOH HOH A . 
C 2 HOH 2 12 2  HOH HOH A . 
C 2 HOH 3 13 3  HOH HOH A . 
C 2 HOH 4 14 5  HOH HOH A . 
C 2 HOH 5 15 6  HOH HOH A . 
C 2 HOH 6 16 7  HOH HOH A . 
C 2 HOH 7 17 8  HOH HOH A . 
C 2 HOH 8 18 10 HOH HOH A . 
D 2 HOH 1 4  4  HOH HOH B . 
D 2 HOH 2 9  9  HOH HOH B . 
# 
_pdbx_struct_assembly.id                   1 
_pdbx_struct_assembly.details              author_and_software_defined_assembly 
_pdbx_struct_assembly.method_details       PISA 
_pdbx_struct_assembly.oligomeric_details   tetrameric 
_pdbx_struct_assembly.oligomeric_count     4 
# 
_pdbx_struct_assembly_gen.assembly_id       1 
_pdbx_struct_assembly_gen.oper_expression   1,2 
_pdbx_struct_assembly_gen.asym_id_list      A,B,C,D 
# 
loop_
_pdbx_struct_assembly_prop.biol_id 
_pdbx_struct_assembly_prop.type 
_pdbx_struct_assembly_prop.value 
_pdbx_struct_assembly_prop.details 
1 'ABSA (A^2)' 2790 ? 
1 MORE         -11  ? 
1 'SSA (A^2)'  6880 ? 
# 
loop_
_pdbx_struct_oper_list.id 
_pdbx_struct_oper_list.type 
_pdbx_struct_oper_list.name 
_pdbx_struct_oper_list.symmetry_operation 
_pdbx_struct_oper_list.matrix[1][1] 
_pdbx_struct_oper_list.matrix[1][2] 
_pdbx_struct_oper_list.matrix[1][3] 
_pdbx_struct_oper_list.vector[1] 
_pdbx_struct_oper_list.matrix[2][1] 
_pdbx_struct_oper_list.matrix[2][2] 
_pdbx_struct_oper_list.matrix[2][3] 
_pdbx_struct_oper_list.vector[2] 
_pdbx_struct_oper_list.matrix[3][1] 
_pdbx_struct_oper_list.matrix[3][2] 
_pdbx_struct_oper_list.matrix[3][3] 
_pdbx_struct_oper_list.vector[3] 
1 'identity operation'         1_555 x,y,z     1.0000000000  0.0000000000  0.0000000000  0.0000000000  0.0000000000  1.0000000000  0.0000000000 0.0000000000  0.0000000000  0.0000000000 1.0000000000 0.0000000000  
2 'crystal symmetry operation' 2_556 -x,y,-z+1 -0.2250476748 -0.3377305795 -0.9139428865 -1.7410862908 -0.3377305795 -0.8528142434 0.3983038061 12.8825128634 -0.9139428865 0.3983038061 0.0778619182 -6.2367982604 
# 
loop_
_pdbx_audit_revision_history.ordinal 
_pdbx_audit_revision_history.data_content_type 
_pdbx_audit_revision_history.major_revision 
_pdbx_audit_revision_history.minor_revision 
_pdbx_audit_revision_history.revision_date 
1 'Structure model' 1 0 2010-06-09 
2 'Structure model' 1 1 2011-07-13 
3 'Structure model' 1 2 2023-11-01 
# 
_pdbx_audit_revision_details.ordinal             1 
_pdbx_audit_revision_details.revision_ordinal    1 
_pdbx_audit_revision_details.data_content_type   'Structure model' 
_pdbx_audit_revision_details.provider            repository 
_pdbx_audit_revision_details.type                'Initial release' 
_pdbx_audit_revision_details.description         ? 
_pdbx_audit_revision_details.details             ? 
# 
loop_
_pdbx_audit_revision_group.ordinal 
_pdbx_audit_revision_group.revision_ordinal 
_pdbx_audit_revision_group.data_content_type 
_pdbx_audit_revision_group.group 
1 2 'Structure model' 'Version format compliance' 
2 3 'Structure model' 'Data collection'           
3 3 'Structure model' 'Database references'       
4 3 'Structure model' 'Refinement description'    
# 
loop_
_pdbx_audit_revision_category.ordinal 
_pdbx_audit_revision_category.revision_ordinal 
_pdbx_audit_revision_category.data_content_type 
_pdbx_audit_revision_category.category 
1 3 'Structure model' chem_comp_atom                
2 3 'Structure model' chem_comp_bond                
3 3 'Structure model' database_2                    
4 3 'Structure model' pdbx_initial_refinement_model 
5 3 'Structure model' struct_ref_seq                
# 
loop_
_pdbx_audit_revision_item.ordinal 
_pdbx_audit_revision_item.revision_ordinal 
_pdbx_audit_revision_item.data_content_type 
_pdbx_audit_revision_item.item 
1 3 'Structure model' '_database_2.pdbx_DOI'                
2 3 'Structure model' '_database_2.pdbx_database_accession' 
3 3 'Structure model' '_struct_ref_seq.db_align_beg'        
4 3 'Structure model' '_struct_ref_seq.db_align_end'        
# 
loop_
_software.name 
_software.classification 
_software.version 
_software.citation_id 
_software.pdbx_ordinal 
MAR345dtb 'data collection' .        ? 1 
AMoRE     phasing           .        ? 2 
REFMAC    refinement        5.2.0019 ? 3 
AUTOMAR   'data reduction'  .        ? 4 
SCALEPACK 'data scaling'    .        ? 5 
# 
loop_
_pdbx_validate_rmsd_bond.id 
_pdbx_validate_rmsd_bond.PDB_model_num 
_pdbx_validate_rmsd_bond.auth_atom_id_1 
_pdbx_validate_rmsd_bond.auth_asym_id_1 
_pdbx_validate_rmsd_bond.auth_comp_id_1 
_pdbx_validate_rmsd_bond.auth_seq_id_1 
_pdbx_validate_rmsd_bond.PDB_ins_code_1 
_pdbx_validate_rmsd_bond.label_alt_id_1 
_pdbx_validate_rmsd_bond.auth_atom_id_2 
_pdbx_validate_rmsd_bond.auth_asym_id_2 
_pdbx_validate_rmsd_bond.auth_comp_id_2 
_pdbx_validate_rmsd_bond.auth_seq_id_2 
_pdbx_validate_rmsd_bond.PDB_ins_code_2 
_pdbx_validate_rmsd_bond.label_alt_id_2 
_pdbx_validate_rmsd_bond.bond_value 
_pdbx_validate_rmsd_bond.bond_target_value 
_pdbx_validate_rmsd_bond.bond_deviation 
_pdbx_validate_rmsd_bond.bond_standard_deviation 
_pdbx_validate_rmsd_bond.linker_flag 
1 1 "O3'" A DC 5  ? ? "C3'" A DC 5  ? ? 1.383 1.419 -0.036 0.006 N 
2 1 "O3'" B DC 11 ? ? "C3'" B DC 11 ? ? 1.317 1.419 -0.102 0.006 N 
# 
loop_
_pdbx_validate_rmsd_angle.id 
_pdbx_validate_rmsd_angle.PDB_model_num 
_pdbx_validate_rmsd_angle.auth_atom_id_1 
_pdbx_validate_rmsd_angle.auth_asym_id_1 
_pdbx_validate_rmsd_angle.auth_comp_id_1 
_pdbx_validate_rmsd_angle.auth_seq_id_1 
_pdbx_validate_rmsd_angle.PDB_ins_code_1 
_pdbx_validate_rmsd_angle.label_alt_id_1 
_pdbx_validate_rmsd_angle.auth_atom_id_2 
_pdbx_validate_rmsd_angle.auth_asym_id_2 
_pdbx_validate_rmsd_angle.auth_comp_id_2 
_pdbx_validate_rmsd_angle.auth_seq_id_2 
_pdbx_validate_rmsd_angle.PDB_ins_code_2 
_pdbx_validate_rmsd_angle.label_alt_id_2 
_pdbx_validate_rmsd_angle.auth_atom_id_3 
_pdbx_validate_rmsd_angle.auth_asym_id_3 
_pdbx_validate_rmsd_angle.auth_comp_id_3 
_pdbx_validate_rmsd_angle.auth_seq_id_3 
_pdbx_validate_rmsd_angle.PDB_ins_code_3 
_pdbx_validate_rmsd_angle.label_alt_id_3 
_pdbx_validate_rmsd_angle.angle_value 
_pdbx_validate_rmsd_angle.angle_target_value 
_pdbx_validate_rmsd_angle.angle_deviation 
_pdbx_validate_rmsd_angle.angle_standard_deviation 
_pdbx_validate_rmsd_angle.linker_flag 
1  1 N1    A DC 1  ? ? "C1'" A DC 1  ? ? "C2'" A DC 1  ? ? 123.01 114.30 8.71   1.40 N 
2  1 "C3'" A DG 2  ? ? "C2'" A DG 2  ? ? "C1'" A DG 2  ? ? 97.42  102.40 -4.98  0.80 N 
3  1 "O4'" A DG 2  ? ? "C1'" A DG 2  ? ? N9    A DG 2  ? ? 110.39 108.30 2.09   0.30 N 
4  1 "O4'" A DG 3  ? ? "C1'" A DG 3  ? ? "C2'" A DG 3  ? ? 109.88 106.80 3.08   0.50 N 
5  1 "O4'" A DG 3  ? ? "C1'" A DG 3  ? ? N9    A DG 3  ? ? 111.12 108.30 2.82   0.30 N 
6  1 C6    A DG 3  ? ? N1    A DG 3  ? ? C2    A DG 3  ? ? 121.27 125.10 -3.83  0.60 N 
7  1 C5    A DG 3  ? ? C6    A DG 3  ? ? O6    A DG 3  ? ? 122.91 128.60 -5.69  0.60 N 
8  1 N1    A DG 4  ? ? C2    A DG 4  ? ? N3    A DG 4  ? ? 127.54 123.90 3.64   0.60 N 
9  1 C2    A DG 4  ? ? N3    A DG 4  ? ? C4    A DG 4  ? ? 108.47 111.90 -3.43  0.50 N 
10 1 C6    A DG 4  ? ? C5    A DG 4  ? ? N7    A DG 4  ? ? 126.08 130.40 -4.32  0.60 N 
11 1 N1    A DG 4  ? ? C2    A DG 4  ? ? N2    A DG 4  ? ? 109.19 116.20 -7.01  0.90 N 
12 1 "C3'" A DG 4  ? ? "O3'" A DG 4  ? ? P     A DC 5  ? ? 134.78 119.70 15.08  1.20 Y 
13 1 "O5'" A DC 5  ? ? P     A DC 5  ? ? OP1   A DC 5  ? ? 97.78  105.70 -7.92  0.90 N 
14 1 "C5'" A DC 5  ? ? "C4'" A DC 5  ? ? "O4'" A DC 5  ? ? 116.57 109.80 6.77   1.10 N 
15 1 "O4'" A DC 5  ? ? "C1'" A DC 5  ? ? "C2'" A DC 5  ? ? 99.84  105.90 -6.06  0.80 N 
16 1 "O4'" A DC 5  ? ? "C1'" A DC 5  ? ? N1    A DC 5  ? ? 111.96 108.30 3.66   0.30 N 
17 1 "O4'" A DG 6  ? ? "C1'" A DG 6  ? ? "C2'" A DG 6  ? ? 100.11 105.90 -5.79  0.80 N 
18 1 N1    A DG 6  ? ? C2    A DG 6  ? ? N3    A DG 6  ? ? 127.69 123.90 3.79   0.60 N 
19 1 N7    A DG 6  ? ? C8    A DG 6  ? ? N9    A DG 6  ? ? 116.65 113.10 3.55   0.50 N 
20 1 C8    A DG 6  ? ? N9    A DG 6  ? ? C4    A DG 6  ? ? 101.98 106.40 -4.42  0.40 N 
21 1 P     A DC 8  ? ? "O5'" A DC 8  ? ? "C5'" A DC 8  ? ? 107.72 120.90 -13.18 1.60 N 
22 1 "O4'" A DC 8  ? ? "C1'" A DC 8  ? ? N1    A DC 8  ? ? 103.30 108.00 -4.70  0.70 N 
23 1 C6    A DC 8  ? ? N1    A DC 8  ? ? C2    A DC 8  ? ? 123.70 120.30 3.40   0.40 N 
24 1 C5    A DC 8  ? ? C6    A DC 8  ? ? N1    A DC 8  ? ? 117.67 121.00 -3.33  0.50 N 
25 1 "C4'" A DC 9  ? ? "C3'" A DC 9  ? ? "C2'" A DC 9  ? ? 97.58  102.20 -4.62  0.70 N 
26 1 N3    A DC 9  ? ? C4    A DC 9  ? ? C5    A DC 9  ? ? 125.09 121.90 3.19   0.40 N 
27 1 C5    A DC 9  ? ? C4    A DC 9  ? ? N4    A DC 9  ? ? 115.53 120.20 -4.67  0.70 N 
28 1 "O4'" A DG 10 ? ? "C4'" A DG 10 ? ? "C3'" A DG 10 ? ? 99.34  104.50 -5.16  0.40 N 
29 1 "C1'" B DC 11 ? ? "O4'" B DC 11 ? ? "C4'" B DC 11 ? ? 103.72 110.10 -6.38  1.00 N 
30 1 N1    B DC 11 ? ? "C1'" B DC 11 ? ? "C2'" B DC 11 ? ? 122.82 114.30 8.52   1.40 N 
31 1 "O4'" B DC 11 ? ? "C1'" B DC 11 ? ? N1    B DC 11 ? ? 103.14 108.00 -4.86  0.70 N 
32 1 C6    B DG 12 ? ? N1    B DG 12 ? ? C2    B DG 12 ? ? 121.19 125.10 -3.91  0.60 N 
33 1 "O4'" B DG 14 ? ? "C4'" B DG 14 ? ? "C3'" B DG 14 ? ? 100.75 104.50 -3.75  0.40 N 
34 1 N9    B DG 14 ? ? "C1'" B DG 14 ? ? "C2'" B DG 14 ? ? 123.19 114.30 8.89   1.40 N 
35 1 N3    B DG 14 ? ? C4    B DG 14 ? ? C5    B DG 14 ? ? 125.39 128.60 -3.21  0.50 N 
36 1 "O4'" B DC 15 ? ? "C1'" B DC 15 ? ? "C2'" B DC 15 ? ? 100.77 105.90 -5.13  0.80 N 
37 1 C6    B DC 15 ? ? N1    B DC 15 ? ? C2    B DC 15 ? ? 116.71 120.30 -3.59  0.40 N 
38 1 "C3'" B DG 16 ? ? "C2'" B DG 16 ? ? "C1'" B DG 16 ? ? 96.17  102.40 -6.23  0.80 N 
39 1 "O4'" B DG 16 ? ? "C1'" B DG 16 ? ? "C2'" B DG 16 ? ? 100.53 105.90 -5.37  0.80 N 
40 1 "O4'" B DG 16 ? ? "C1'" B DG 16 ? ? N9    B DG 16 ? ? 111.34 108.30 3.04   0.30 N 
41 1 C5    B DG 16 ? ? C6    B DG 16 ? ? N1    B DG 16 ? ? 114.92 111.50 3.42   0.50 N 
42 1 N3    B DG 16 ? ? C4    B DG 16 ? ? N9    B DG 16 ? ? 129.91 126.00 3.91   0.60 N 
43 1 C5    B DG 16 ? ? C6    B DG 16 ? ? O6    B DG 16 ? ? 124.69 128.60 -3.91  0.60 N 
44 1 N3    B DC 17 ? ? C2    B DC 17 ? ? O2    B DC 17 ? ? 117.59 121.90 -4.31  0.70 N 
45 1 N3    B DC 18 ? ? C4    B DC 18 ? ? C5    B DC 18 ? ? 125.80 121.90 3.90   0.40 N 
46 1 C4    B DC 18 ? ? C5    B DC 18 ? ? C6    B DC 18 ? ? 114.33 117.40 -3.07  0.50 N 
47 1 "O4'" B DC 19 ? ? "C1'" B DC 19 ? ? N1    B DC 19 ? ? 103.44 108.00 -4.56  0.70 N 
48 1 "O4'" B DG 20 ? ? "C4'" B DG 20 ? ? "C3'" B DG 20 ? ? 99.54  104.50 -4.96  0.40 N 
# 
loop_
_chem_comp_atom.comp_id 
_chem_comp_atom.atom_id 
_chem_comp_atom.type_symbol 
_chem_comp_atom.pdbx_aromatic_flag 
_chem_comp_atom.pdbx_stereo_config 
_chem_comp_atom.pdbx_ordinal 
DC  OP3    O N N 1  
DC  P      P N N 2  
DC  OP1    O N N 3  
DC  OP2    O N N 4  
DC  "O5'"  O N N 5  
DC  "C5'"  C N N 6  
DC  "C4'"  C N R 7  
DC  "O4'"  O N N 8  
DC  "C3'"  C N S 9  
DC  "O3'"  O N N 10 
DC  "C2'"  C N N 11 
DC  "C1'"  C N R 12 
DC  N1     N N N 13 
DC  C2     C N N 14 
DC  O2     O N N 15 
DC  N3     N N N 16 
DC  C4     C N N 17 
DC  N4     N N N 18 
DC  C5     C N N 19 
DC  C6     C N N 20 
DC  HOP3   H N N 21 
DC  HOP2   H N N 22 
DC  "H5'"  H N N 23 
DC  "H5''" H N N 24 
DC  "H4'"  H N N 25 
DC  "H3'"  H N N 26 
DC  "HO3'" H N N 27 
DC  "H2'"  H N N 28 
DC  "H2''" H N N 29 
DC  "H1'"  H N N 30 
DC  H41    H N N 31 
DC  H42    H N N 32 
DC  H5     H N N 33 
DC  H6     H N N 34 
DG  OP3    O N N 35 
DG  P      P N N 36 
DG  OP1    O N N 37 
DG  OP2    O N N 38 
DG  "O5'"  O N N 39 
DG  "C5'"  C N N 40 
DG  "C4'"  C N R 41 
DG  "O4'"  O N N 42 
DG  "C3'"  C N S 43 
DG  "O3'"  O N N 44 
DG  "C2'"  C N N 45 
DG  "C1'"  C N R 46 
DG  N9     N Y N 47 
DG  C8     C Y N 48 
DG  N7     N Y N 49 
DG  C5     C Y N 50 
DG  C6     C N N 51 
DG  O6     O N N 52 
DG  N1     N N N 53 
DG  C2     C N N 54 
DG  N2     N N N 55 
DG  N3     N N N 56 
DG  C4     C Y N 57 
DG  HOP3   H N N 58 
DG  HOP2   H N N 59 
DG  "H5'"  H N N 60 
DG  "H5''" H N N 61 
DG  "H4'"  H N N 62 
DG  "H3'"  H N N 63 
DG  "HO3'" H N N 64 
DG  "H2'"  H N N 65 
DG  "H2''" H N N 66 
DG  "H1'"  H N N 67 
DG  H8     H N N 68 
DG  H1     H N N 69 
DG  H21    H N N 70 
DG  H22    H N N 71 
HOH O      O N N 72 
HOH H1     H N N 73 
HOH H2     H N N 74 
# 
loop_
_chem_comp_bond.comp_id 
_chem_comp_bond.atom_id_1 
_chem_comp_bond.atom_id_2 
_chem_comp_bond.value_order 
_chem_comp_bond.pdbx_aromatic_flag 
_chem_comp_bond.pdbx_stereo_config 
_chem_comp_bond.pdbx_ordinal 
DC  OP3   P      sing N N 1  
DC  OP3   HOP3   sing N N 2  
DC  P     OP1    doub N N 3  
DC  P     OP2    sing N N 4  
DC  P     "O5'"  sing N N 5  
DC  OP2   HOP2   sing N N 6  
DC  "O5'" "C5'"  sing N N 7  
DC  "C5'" "C4'"  sing N N 8  
DC  "C5'" "H5'"  sing N N 9  
DC  "C5'" "H5''" sing N N 10 
DC  "C4'" "O4'"  sing N N 11 
DC  "C4'" "C3'"  sing N N 12 
DC  "C4'" "H4'"  sing N N 13 
DC  "O4'" "C1'"  sing N N 14 
DC  "C3'" "O3'"  sing N N 15 
DC  "C3'" "C2'"  sing N N 16 
DC  "C3'" "H3'"  sing N N 17 
DC  "O3'" "HO3'" sing N N 18 
DC  "C2'" "C1'"  sing N N 19 
DC  "C2'" "H2'"  sing N N 20 
DC  "C2'" "H2''" sing N N 21 
DC  "C1'" N1     sing N N 22 
DC  "C1'" "H1'"  sing N N 23 
DC  N1    C2     sing N N 24 
DC  N1    C6     sing N N 25 
DC  C2    O2     doub N N 26 
DC  C2    N3     sing N N 27 
DC  N3    C4     doub N N 28 
DC  C4    N4     sing N N 29 
DC  C4    C5     sing N N 30 
DC  N4    H41    sing N N 31 
DC  N4    H42    sing N N 32 
DC  C5    C6     doub N N 33 
DC  C5    H5     sing N N 34 
DC  C6    H6     sing N N 35 
DG  OP3   P      sing N N 36 
DG  OP3   HOP3   sing N N 37 
DG  P     OP1    doub N N 38 
DG  P     OP2    sing N N 39 
DG  P     "O5'"  sing N N 40 
DG  OP2   HOP2   sing N N 41 
DG  "O5'" "C5'"  sing N N 42 
DG  "C5'" "C4'"  sing N N 43 
DG  "C5'" "H5'"  sing N N 44 
DG  "C5'" "H5''" sing N N 45 
DG  "C4'" "O4'"  sing N N 46 
DG  "C4'" "C3'"  sing N N 47 
DG  "C4'" "H4'"  sing N N 48 
DG  "O4'" "C1'"  sing N N 49 
DG  "C3'" "O3'"  sing N N 50 
DG  "C3'" "C2'"  sing N N 51 
DG  "C3'" "H3'"  sing N N 52 
DG  "O3'" "HO3'" sing N N 53 
DG  "C2'" "C1'"  sing N N 54 
DG  "C2'" "H2'"  sing N N 55 
DG  "C2'" "H2''" sing N N 56 
DG  "C1'" N9     sing N N 57 
DG  "C1'" "H1'"  sing N N 58 
DG  N9    C8     sing Y N 59 
DG  N9    C4     sing Y N 60 
DG  C8    N7     doub Y N 61 
DG  C8    H8     sing N N 62 
DG  N7    C5     sing Y N 63 
DG  C5    C6     sing N N 64 
DG  C5    C4     doub Y N 65 
DG  C6    O6     doub N N 66 
DG  C6    N1     sing N N 67 
DG  N1    C2     sing N N 68 
DG  N1    H1     sing N N 69 
DG  C2    N2     sing N N 70 
DG  C2    N3     doub N N 71 
DG  N2    H21    sing N N 72 
DG  N2    H22    sing N N 73 
DG  N3    C4     sing N N 74 
HOH O     H1     sing N N 75 
HOH O     H2     sing N N 76 
# 
_ndb_struct_conf_na.entry_id   3HQE 
_ndb_struct_conf_na.feature    'b-form double helix' 
# 
loop_
_ndb_struct_na_base_pair.model_number 
_ndb_struct_na_base_pair.i_label_asym_id 
_ndb_struct_na_base_pair.i_label_comp_id 
_ndb_struct_na_base_pair.i_label_seq_id 
_ndb_struct_na_base_pair.i_symmetry 
_ndb_struct_na_base_pair.j_label_asym_id 
_ndb_struct_na_base_pair.j_label_comp_id 
_ndb_struct_na_base_pair.j_label_seq_id 
_ndb_struct_na_base_pair.j_symmetry 
_ndb_struct_na_base_pair.shear 
_ndb_struct_na_base_pair.stretch 
_ndb_struct_na_base_pair.stagger 
_ndb_struct_na_base_pair.buckle 
_ndb_struct_na_base_pair.propeller 
_ndb_struct_na_base_pair.opening 
_ndb_struct_na_base_pair.pair_number 
_ndb_struct_na_base_pair.pair_name 
_ndb_struct_na_base_pair.i_auth_asym_id 
_ndb_struct_na_base_pair.i_auth_seq_id 
_ndb_struct_na_base_pair.i_PDB_ins_code 
_ndb_struct_na_base_pair.j_auth_asym_id 
_ndb_struct_na_base_pair.j_auth_seq_id 
_ndb_struct_na_base_pair.j_PDB_ins_code 
_ndb_struct_na_base_pair.hbond_type_28 
_ndb_struct_na_base_pair.hbond_type_12 
1 A DC 1 1_555 B DG 10 1_555 0.310  0.212  -0.124 -0.677 -3.156  5.249  1 A_DC1:DG20_B A 1 ? B 20 ? 19 1 
1 A DG 2 1_555 B DC 9  1_555 -0.109 0.350  -0.148 6.142  -1.915  -0.280 2 A_DG2:DC19_B A 2 ? B 19 ? 19 1 
1 A DG 3 1_555 B DC 8  1_555 -0.288 -0.239 -0.592 -2.488 -8.857  3.900  3 A_DG3:DC18_B A 3 ? B 18 ? 19 1 
1 A DG 4 1_555 B DC 7  1_555 -0.462 -0.382 0.055  -0.019 -12.069 -1.838 4 A_DG4:DC17_B A 4 ? B 17 ? 19 1 
1 A DC 5 1_555 B DG 6  1_555 -0.365 -0.261 0.261  -1.529 -7.358  -6.137 5 A_DC5:DG16_B A 5 ? B 16 ? 19 1 
1 A DG 6 1_555 B DC 5  1_555 -0.506 -0.047 0.089  1.495  -14.050 -0.885 6 A_DG6:DC15_B A 6 ? B 15 ? 19 1 
# 
loop_
_ndb_struct_na_base_pair_step.model_number 
_ndb_struct_na_base_pair_step.i_label_asym_id_1 
_ndb_struct_na_base_pair_step.i_label_comp_id_1 
_ndb_struct_na_base_pair_step.i_label_seq_id_1 
_ndb_struct_na_base_pair_step.i_symmetry_1 
_ndb_struct_na_base_pair_step.j_label_asym_id_1 
_ndb_struct_na_base_pair_step.j_label_comp_id_1 
_ndb_struct_na_base_pair_step.j_label_seq_id_1 
_ndb_struct_na_base_pair_step.j_symmetry_1 
_ndb_struct_na_base_pair_step.i_label_asym_id_2 
_ndb_struct_na_base_pair_step.i_label_comp_id_2 
_ndb_struct_na_base_pair_step.i_label_seq_id_2 
_ndb_struct_na_base_pair_step.i_symmetry_2 
_ndb_struct_na_base_pair_step.j_label_asym_id_2 
_ndb_struct_na_base_pair_step.j_label_comp_id_2 
_ndb_struct_na_base_pair_step.j_label_seq_id_2 
_ndb_struct_na_base_pair_step.j_symmetry_2 
_ndb_struct_na_base_pair_step.shift 
_ndb_struct_na_base_pair_step.slide 
_ndb_struct_na_base_pair_step.rise 
_ndb_struct_na_base_pair_step.tilt 
_ndb_struct_na_base_pair_step.roll 
_ndb_struct_na_base_pair_step.twist 
_ndb_struct_na_base_pair_step.x_displacement 
_ndb_struct_na_base_pair_step.y_displacement 
_ndb_struct_na_base_pair_step.helical_rise 
_ndb_struct_na_base_pair_step.inclination 
_ndb_struct_na_base_pair_step.tip 
_ndb_struct_na_base_pair_step.helical_twist 
_ndb_struct_na_base_pair_step.step_number 
_ndb_struct_na_base_pair_step.step_name 
_ndb_struct_na_base_pair_step.i_auth_asym_id_1 
_ndb_struct_na_base_pair_step.i_auth_seq_id_1 
_ndb_struct_na_base_pair_step.i_PDB_ins_code_1 
_ndb_struct_na_base_pair_step.j_auth_asym_id_1 
_ndb_struct_na_base_pair_step.j_auth_seq_id_1 
_ndb_struct_na_base_pair_step.j_PDB_ins_code_1 
_ndb_struct_na_base_pair_step.i_auth_asym_id_2 
_ndb_struct_na_base_pair_step.i_auth_seq_id_2 
_ndb_struct_na_base_pair_step.i_PDB_ins_code_2 
_ndb_struct_na_base_pair_step.j_auth_asym_id_2 
_ndb_struct_na_base_pair_step.j_auth_seq_id_2 
_ndb_struct_na_base_pair_step.j_PDB_ins_code_2 
1 A DC 1 1_555 B DG 10 1_555 A DG 2 1_555 B DC 9 1_555 -0.042 1.230 3.309 3.103  6.917  37.154 0.967 0.480  3.460 10.720  -4.809 
37.893 1 AA_DC1DG2:DC19DG20_BB A 1 ? B 20 ? A 2 ? B 19 ? 
1 A DG 2 1_555 B DC 9  1_555 A DG 3 1_555 B DC 8 1_555 -0.056 1.840 3.499 2.194  3.742  36.658 2.352 0.415  3.653 5.924   -3.473 
36.905 2 AA_DG2DG3:DC18DC19_BB A 2 ? B 19 ? A 3 ? B 18 ? 
1 A DG 3 1_555 B DC 8  1_555 A DG 4 1_555 B DC 7 1_555 -0.828 0.828 3.096 -9.887 4.428  40.695 0.700 0.139  3.270 6.234   13.921 
42.053 3 AA_DG3DG4:DC17DC18_BB A 3 ? B 18 ? A 4 ? B 17 ? 
1 A DG 4 1_555 B DC 7  1_555 A DC 5 1_555 B DG 6 1_555 0.185  0.979 3.484 -0.529 -7.762 35.138 2.731 -0.377 3.200 -12.666 0.863  
35.963 4 AA_DG4DC5:DG16DC17_BB A 4 ? B 17 ? A 5 ? B 16 ? 
1 A DC 5 1_555 B DG 6  1_555 A DG 6 1_555 B DC 5 1_555 0.033  0.658 3.336 1.466  6.892  35.677 0.055 0.159  3.399 11.115  -2.365 
36.343 5 AA_DC5DG6:DC15DG16_BB A 5 ? B 16 ? A 6 ? B 15 ? 
# 
_pdbx_entity_nonpoly.entity_id   2 
_pdbx_entity_nonpoly.name        water 
_pdbx_entity_nonpoly.comp_id     HOH 
# 
_pdbx_initial_refinement_model.id               1 
_pdbx_initial_refinement_model.entity_id_list   ? 
_pdbx_initial_refinement_model.type             'experimental model' 
_pdbx_initial_refinement_model.source_name      PDB 
_pdbx_initial_refinement_model.accession_code   1P4Y 
_pdbx_initial_refinement_model.details          'PDB ID 1P4Y' 
# 
